data_5YCR
#
_entry.id   5YCR
#
_cell.length_a   126.566
_cell.length_b   126.566
_cell.length_c   185.742
_cell.angle_alpha   90.00
_cell.angle_beta   90.00
_cell.angle_gamma   120.00
#
_symmetry.space_group_name_H-M   'P 32 2 1'
#
loop_
_entity.id
_entity.type
_entity.pdbx_description
1 polymer 'Enoyl-[acyl-carrier-protein] reductase [NADH] FabI'
2 non-polymer NICOTINAMIDE-ADENINE-DINUCLEOTIDE
3 non-polymer 'SULFATE ION'
4 water water
#
_entity_poly.entity_id   1
_entity_poly.type   'polypeptide(L)'
_entity_poly.pdbx_seq_one_letter_code
;GSMELLQGKTFVVMGVANQRSIAWGIARSLHNAGAKLIFTYAGERLERNVRELADTLEGQESLVLPCDVTNDEELTACFE
TIKQEVGTIHGVAHCIAFANRDDLKGEFVDTSRDGFLLAQNISAFSLTAVAREAKKVMTEGGNILTLTYLGGERVVKNYN
VMGVAKASLEASVKYLANDLGQHGIRVNAISAGPIRTLSAKGVGDFNSILREIEERAPLRRTTTQEEVGDTAVFLFSDLA
RGVTGENIHVDSGYHILG
;
_entity_poly.pdbx_strand_id   A,B,C,D
#
loop_
_chem_comp.id
_chem_comp.type
_chem_comp.name
_chem_comp.formula
NAD non-polymer NICOTINAMIDE-ADENINE-DINUCLEOTIDE 'C21 H27 N7 O14 P2'
SO4 non-polymer 'SULFATE ION' 'O4 S -2'
#
# COMPACT_ATOMS: atom_id res chain seq x y z
N MET A 3 11.90 32.90 -3.40
CA MET A 3 13.19 32.44 -3.91
C MET A 3 14.26 32.57 -2.84
N GLU A 4 13.86 32.51 -1.58
CA GLU A 4 14.83 32.53 -0.49
C GLU A 4 14.48 31.47 0.55
N LEU A 5 13.74 30.45 0.11
CA LEU A 5 13.37 29.34 0.99
C LEU A 5 14.59 28.61 1.57
N LEU A 6 15.65 28.51 0.76
CA LEU A 6 16.83 27.76 1.18
C LEU A 6 18.05 28.66 1.36
N GLN A 7 17.79 29.97 1.51
CA GLN A 7 18.86 30.94 1.69
C GLN A 7 19.71 30.53 2.88
N GLY A 8 21.03 30.59 2.73
CA GLY A 8 21.91 30.27 3.83
C GLY A 8 22.19 28.79 3.99
N LYS A 9 21.62 27.96 3.11
CA LYS A 9 21.77 26.51 3.24
C LYS A 9 22.65 25.92 2.13
N THR A 10 23.30 24.80 2.45
CA THR A 10 24.21 24.14 1.53
C THR A 10 23.86 22.66 1.38
N PHE A 11 23.79 22.19 0.13
CA PHE A 11 23.39 20.82 -0.17
C PHE A 11 24.41 20.15 -1.05
N VAL A 12 24.60 18.86 -0.83
CA VAL A 12 25.45 18.05 -1.70
C VAL A 12 24.54 17.35 -2.71
N VAL A 13 24.87 17.48 -3.99
CA VAL A 13 24.08 16.85 -5.04
C VAL A 13 24.91 15.75 -5.73
N MET A 14 24.42 14.52 -5.66
CA MET A 14 25.15 13.36 -6.16
C MET A 14 24.42 12.72 -7.33
N GLY A 15 25.13 12.52 -8.43
CA GLY A 15 24.54 11.84 -9.56
C GLY A 15 24.32 12.70 -10.78
N VAL A 16 24.81 13.94 -10.79
CA VAL A 16 24.76 14.69 -12.04
C VAL A 16 25.63 14.00 -13.10
N ALA A 17 25.06 13.72 -14.26
CA ALA A 17 25.84 13.14 -15.35
C ALA A 17 25.94 14.15 -16.48
N ASN A 18 24.82 14.78 -16.78
CA ASN A 18 24.78 15.85 -17.77
C ASN A 18 23.59 16.74 -17.52
N GLN A 19 23.40 17.69 -18.43
CA GLN A 19 22.30 18.66 -18.45
C GLN A 19 20.92 18.09 -18.25
N ARG A 20 20.72 16.83 -18.68
CA ARG A 20 19.40 16.21 -18.63
C ARG A 20 19.15 15.43 -17.34
N SER A 21 20.20 15.22 -16.57
CA SER A 21 20.09 14.49 -15.32
C SER A 21 19.02 15.13 -14.45
N ILE A 22 18.18 14.30 -13.83
CA ILE A 22 17.24 14.81 -12.83
C ILE A 22 18.02 15.55 -11.73
N ALA A 23 19.21 15.05 -11.39
CA ALA A 23 20.04 15.73 -10.37
C ALA A 23 20.36 17.18 -10.75
N TRP A 24 20.51 17.44 -12.03
CA TRP A 24 20.79 18.81 -12.47
C TRP A 24 19.51 19.67 -12.43
N GLY A 25 18.36 19.06 -12.68
CA GLY A 25 17.09 19.74 -12.41
C GLY A 25 16.91 20.07 -10.94
N ILE A 26 17.23 19.12 -10.05
CA ILE A 26 17.21 19.40 -8.62
C ILE A 26 18.21 20.54 -8.26
N ALA A 27 19.42 20.48 -8.77
CA ALA A 27 20.42 21.51 -8.48
C ALA A 27 19.91 22.89 -8.93
N ARG A 28 19.32 22.97 -10.12
CA ARG A 28 18.83 24.27 -10.61
C ARG A 28 17.73 24.84 -9.69
N SER A 29 16.81 23.98 -9.25
CA SER A 29 15.73 24.44 -8.36
C SER A 29 16.26 24.87 -6.98
N LEU A 30 17.18 24.10 -6.42
CA LEU A 30 17.76 24.45 -5.13
C LEU A 30 18.50 25.79 -5.22
N HIS A 31 19.25 25.97 -6.32
CA HIS A 31 19.94 27.23 -6.59
C HIS A 31 18.96 28.40 -6.64
N ASN A 32 17.87 28.21 -7.38
CA ASN A 32 16.83 29.22 -7.51
C ASN A 32 16.15 29.52 -6.19
N ALA A 33 16.20 28.59 -5.24
CA ALA A 33 15.62 28.84 -3.93
C ALA A 33 16.64 29.41 -2.95
N GLY A 34 17.83 29.73 -3.43
CA GLY A 34 18.82 30.41 -2.59
C GLY A 34 19.93 29.55 -2.02
N ALA A 35 19.91 28.24 -2.30
CA ALA A 35 20.92 27.33 -1.77
C ALA A 35 22.29 27.45 -2.44
N LYS A 36 23.33 27.09 -1.71
CA LYS A 36 24.62 26.79 -2.31
C LYS A 36 24.75 25.26 -2.49
N LEU A 37 25.44 24.87 -3.55
CA LEU A 37 25.53 23.46 -3.95
C LEU A 37 26.97 22.95 -4.03
N ILE A 38 27.16 21.73 -3.53
CA ILE A 38 28.37 20.94 -3.70
C ILE A 38 28.03 19.74 -4.59
N PHE A 39 28.90 19.40 -5.55
CA PHE A 39 28.65 18.27 -6.44
C PHE A 39 29.68 17.16 -6.29
N THR A 40 29.25 15.93 -6.45
CA THR A 40 30.17 14.81 -6.59
C THR A 40 30.11 14.29 -8.02
N TYR A 41 31.16 13.61 -8.44
CA TYR A 41 31.13 12.98 -9.74
C TYR A 41 31.73 11.59 -9.61
N ALA A 42 31.22 10.68 -10.43
CA ALA A 42 31.61 9.29 -10.39
C ALA A 42 32.84 9.09 -11.26
N GLY A 43 32.65 8.92 -12.55
CA GLY A 43 33.78 8.71 -13.45
C GLY A 43 34.56 9.99 -13.77
N GLU A 44 35.85 9.87 -14.02
CA GLU A 44 36.63 11.04 -14.42
C GLU A 44 36.15 11.48 -15.80
N ARG A 45 35.39 10.59 -16.44
CA ARG A 45 34.67 10.87 -17.67
C ARG A 45 33.45 11.78 -17.46
N LEU A 46 33.01 11.91 -16.20
CA LEU A 46 31.89 12.79 -15.84
C LEU A 46 32.40 14.05 -15.15
N GLU A 47 33.68 14.02 -14.79
CA GLU A 47 34.34 15.15 -14.14
C GLU A 47 34.13 16.43 -14.95
N ARG A 48 34.27 16.34 -16.26
CA ARG A 48 34.13 17.51 -17.13
C ARG A 48 32.69 18.05 -17.17
N ASN A 49 31.72 17.16 -17.37
CA ASN A 49 30.32 17.59 -17.41
C ASN A 49 29.89 18.29 -16.14
N VAL A 50 30.16 17.67 -14.99
CA VAL A 50 29.70 18.20 -13.71
C VAL A 50 30.37 19.54 -13.43
N ARG A 51 31.68 19.63 -13.70
CA ARG A 51 32.40 20.89 -13.47
C ARG A 51 31.88 22.03 -14.35
N GLU A 52 31.53 21.74 -15.62
CA GLU A 52 30.98 22.78 -16.48
C GLU A 52 29.63 23.26 -15.99
N LEU A 53 28.77 22.33 -15.57
CA LEU A 53 27.47 22.69 -15.03
C LEU A 53 27.58 23.47 -13.72
N ALA A 54 28.41 22.99 -12.80
CA ALA A 54 28.57 23.65 -11.52
C ALA A 54 29.10 25.09 -11.71
N ASP A 55 29.94 25.25 -12.72
CA ASP A 55 30.55 26.53 -13.04
C ASP A 55 29.54 27.63 -13.35
N THR A 56 28.38 27.25 -13.89
CA THR A 56 27.37 28.22 -14.29
C THR A 56 26.44 28.66 -13.14
N LEU A 57 26.72 28.21 -11.93
CA LEU A 57 25.93 28.63 -10.78
C LEU A 57 26.46 29.93 -10.21
N GLU A 58 25.73 31.02 -10.46
CA GLU A 58 26.14 32.33 -9.98
C GLU A 58 26.05 32.46 -8.47
N GLY A 59 26.95 33.26 -7.89
CA GLY A 59 26.88 33.55 -6.48
C GLY A 59 27.63 32.55 -5.61
N GLN A 60 28.37 31.64 -6.24
CA GLN A 60 29.17 30.67 -5.48
C GLN A 60 30.35 30.18 -6.30
N GLU A 61 31.39 29.71 -5.63
CA GLU A 61 32.45 28.98 -6.31
C GLU A 61 32.04 27.50 -6.43
N SER A 62 32.85 26.71 -7.13
CA SER A 62 32.55 25.29 -7.27
C SER A 62 33.29 24.45 -6.24
N LEU A 63 32.58 23.54 -5.59
CA LEU A 63 33.20 22.41 -4.92
C LEU A 63 32.67 21.17 -5.62
N VAL A 64 33.54 20.53 -6.39
CA VAL A 64 33.18 19.40 -7.24
C VAL A 64 34.18 18.27 -6.97
N LEU A 65 33.70 17.22 -6.31
CA LEU A 65 34.60 16.19 -5.75
C LEU A 65 34.33 14.80 -6.31
N PRO A 66 35.38 14.01 -6.51
CA PRO A 66 35.19 12.63 -6.94
C PRO A 66 34.63 11.82 -5.79
N CYS A 67 33.60 11.02 -6.07
CA CYS A 67 33.02 10.23 -5.04
C CYS A 67 32.36 9.01 -5.65
N ASP A 68 33.12 7.94 -5.72
CA ASP A 68 32.65 6.61 -6.08
C ASP A 68 31.95 5.97 -4.87
N VAL A 69 30.64 5.87 -4.89
CA VAL A 69 29.92 5.38 -3.72
C VAL A 69 30.10 3.88 -3.45
N THR A 70 30.80 3.16 -4.32
CA THR A 70 31.12 1.77 -4.00
C THR A 70 32.45 1.71 -3.23
N ASN A 71 33.14 2.84 -3.14
CA ASN A 71 34.46 2.89 -2.54
C ASN A 71 34.37 3.57 -1.18
N ASP A 72 34.46 2.80 -0.12
CA ASP A 72 34.24 3.34 1.22
C ASP A 72 35.33 4.31 1.68
N GLU A 73 36.58 4.06 1.32
CA GLU A 73 37.65 5.00 1.65
C GLU A 73 37.40 6.33 0.98
N GLU A 74 37.02 6.32 -0.30
CA GLU A 74 36.83 7.59 -0.98
C GLU A 74 35.57 8.33 -0.52
N LEU A 75 34.49 7.59 -0.24
CA LEU A 75 33.26 8.20 0.24
C LEU A 75 33.50 8.90 1.59
N THR A 76 34.23 8.24 2.48
CA THR A 76 34.57 8.86 3.75
C THR A 76 35.46 10.09 3.56
N ALA A 77 36.47 10.01 2.68
CA ALA A 77 37.36 11.15 2.45
C ALA A 77 36.60 12.33 1.85
N CYS A 78 35.70 12.02 0.93
CA CYS A 78 34.91 13.05 0.24
C CYS A 78 34.11 13.86 1.25
N PHE A 79 33.41 13.20 2.16
CA PHE A 79 32.60 13.93 3.13
C PHE A 79 33.46 14.59 4.24
N GLU A 80 34.66 14.06 4.52
CA GLU A 80 35.58 14.77 5.41
C GLU A 80 36.05 16.08 4.77
N THR A 81 36.35 16.05 3.47
CA THR A 81 36.70 17.27 2.74
C THR A 81 35.56 18.26 2.75
N ILE A 82 34.34 17.75 2.57
CA ILE A 82 33.16 18.62 2.60
C ILE A 82 33.02 19.29 3.97
N LYS A 83 33.20 18.52 5.04
CA LYS A 83 33.18 19.08 6.38
C LYS A 83 34.20 20.20 6.56
N GLN A 84 35.43 19.97 6.07
CA GLN A 84 36.49 20.94 6.24
C GLN A 84 36.26 22.20 5.39
N GLU A 85 35.64 22.04 4.23
CA GLU A 85 35.39 23.17 3.35
C GLU A 85 34.20 24.06 3.75
N VAL A 86 33.13 23.47 4.27
CA VAL A 86 31.93 24.29 4.56
C VAL A 86 31.36 24.07 5.96
N GLY A 87 31.89 23.09 6.68
CA GLY A 87 31.52 22.91 8.09
C GLY A 87 30.20 22.19 8.34
N THR A 88 29.12 22.72 7.76
CA THR A 88 27.78 22.18 7.96
C THR A 88 27.09 22.09 6.62
N ILE A 89 26.45 20.96 6.34
CA ILE A 89 25.55 20.91 5.18
C ILE A 89 24.15 20.64 5.69
N HIS A 90 23.16 21.03 4.92
CA HIS A 90 21.78 20.91 5.40
C HIS A 90 21.00 19.84 4.65
N GLY A 91 21.67 19.17 3.71
CA GLY A 91 21.07 17.99 3.11
C GLY A 91 21.85 17.36 1.95
N VAL A 92 21.38 16.21 1.49
CA VAL A 92 21.98 15.51 0.35
C VAL A 92 20.90 15.04 -0.60
N ALA A 93 21.11 15.28 -1.90
CA ALA A 93 20.30 14.71 -2.96
C ALA A 93 21.01 13.47 -3.55
N HIS A 94 20.48 12.30 -3.25
CA HIS A 94 21.07 11.05 -3.70
C HIS A 94 20.41 10.64 -5.00
N CYS A 95 21.08 10.88 -6.12
CA CYS A 95 20.52 10.59 -7.45
C CYS A 95 21.40 9.62 -8.22
N ILE A 96 21.59 8.45 -7.64
CA ILE A 96 22.58 7.49 -8.11
C ILE A 96 21.88 6.15 -8.34
N ALA A 97 21.94 5.64 -9.55
CA ALA A 97 21.41 4.30 -9.86
C ALA A 97 22.17 3.67 -11.00
N PHE A 98 22.25 2.35 -11.01
CA PHE A 98 22.88 1.66 -12.12
C PHE A 98 22.46 0.21 -12.17
N ALA A 99 22.29 -0.30 -13.38
CA ALA A 99 22.13 -1.72 -13.60
C ALA A 99 22.69 -2.07 -14.96
N ASN A 100 23.21 -3.29 -15.12
CA ASN A 100 23.72 -3.74 -16.42
C ASN A 100 22.60 -3.80 -17.45
N ARG A 101 22.91 -3.35 -18.67
CA ARG A 101 21.93 -3.34 -19.76
C ARG A 101 21.36 -4.74 -20.03
N ASP A 102 22.21 -5.75 -20.00
CA ASP A 102 21.79 -7.13 -20.24
C ASP A 102 20.79 -7.62 -19.20
N ASP A 103 20.90 -7.14 -17.97
CA ASP A 103 19.90 -7.52 -16.98
C ASP A 103 18.59 -6.83 -17.27
N LEU A 104 18.64 -5.60 -17.77
CA LEU A 104 17.41 -4.84 -18.01
C LEU A 104 16.67 -5.26 -19.28
N LYS A 105 17.35 -5.88 -20.23
CA LYS A 105 16.68 -6.33 -21.45
C LYS A 105 16.06 -7.72 -21.31
N GLY A 106 16.78 -8.63 -20.67
CA GLY A 106 16.29 -9.99 -20.46
C GLY A 106 15.04 -10.05 -19.59
N GLU A 107 14.47 -11.25 -19.44
CA GLU A 107 13.39 -11.46 -18.47
C GLU A 107 13.98 -11.26 -17.09
N PHE A 108 13.16 -10.86 -16.10
CA PHE A 108 13.71 -10.68 -14.76
C PHE A 108 14.26 -11.99 -14.20
N VAL A 109 13.63 -13.10 -14.57
CA VAL A 109 14.06 -14.41 -14.04
C VAL A 109 15.48 -14.80 -14.51
N ASP A 110 15.96 -14.19 -15.59
CA ASP A 110 17.33 -14.41 -16.08
C ASP A 110 18.37 -13.40 -15.58
N THR A 111 18.01 -12.61 -14.57
CA THR A 111 18.93 -11.65 -13.97
C THR A 111 20.17 -12.35 -13.42
N SER A 112 21.37 -11.86 -13.75
CA SER A 112 22.57 -12.48 -13.20
C SER A 112 22.75 -12.13 -11.73
N ARG A 113 23.37 -13.03 -10.97
CA ARG A 113 23.64 -12.77 -9.57
C ARG A 113 24.52 -11.52 -9.42
N ASP A 114 25.58 -11.42 -10.23
CA ASP A 114 26.51 -10.30 -10.04
C ASP A 114 25.84 -8.99 -10.46
N GLY A 115 25.01 -9.03 -11.48
CA GLY A 115 24.26 -7.84 -11.88
C GLY A 115 23.25 -7.41 -10.83
N PHE A 116 22.63 -8.36 -10.17
CA PHE A 116 21.67 -8.05 -9.11
C PHE A 116 22.38 -7.35 -7.96
N LEU A 117 23.52 -7.90 -7.54
CA LEU A 117 24.26 -7.37 -6.40
C LEU A 117 24.89 -6.03 -6.71
N LEU A 118 25.37 -5.88 -7.94
CA LEU A 118 25.88 -4.60 -8.42
C LEU A 118 24.77 -3.54 -8.37
N ALA A 119 23.58 -3.88 -8.83
CA ALA A 119 22.48 -2.91 -8.85
C ALA A 119 22.05 -2.58 -7.42
N GLN A 120 22.04 -3.58 -6.53
CA GLN A 120 21.76 -3.32 -5.11
C GLN A 120 22.82 -2.40 -4.49
N ASN A 121 24.09 -2.70 -4.76
CA ASN A 121 25.20 -1.95 -4.19
C ASN A 121 25.16 -0.47 -4.58
N ILE A 122 25.01 -0.21 -5.87
CA ILE A 122 25.07 1.15 -6.38
C ILE A 122 23.75 1.92 -6.16
N SER A 123 22.62 1.24 -6.33
CA SER A 123 21.31 1.92 -6.35
C SER A 123 20.58 1.93 -5.02
N ALA A 124 20.91 1.00 -4.13
CA ALA A 124 20.16 0.90 -2.87
C ALA A 124 21.08 1.10 -1.66
N PHE A 125 22.14 0.28 -1.56
CA PHE A 125 22.99 0.42 -0.39
C PHE A 125 23.69 1.77 -0.34
N SER A 126 23.98 2.35 -1.51
CA SER A 126 24.67 3.64 -1.52
C SER A 126 23.93 4.73 -0.72
N LEU A 127 22.61 4.64 -0.60
CA LEU A 127 21.87 5.65 0.17
C LEU A 127 22.29 5.58 1.63
N THR A 128 22.39 4.35 2.14
CA THR A 128 22.81 4.11 3.50
C THR A 128 24.27 4.54 3.71
N ALA A 129 25.15 4.16 2.79
CA ALA A 129 26.55 4.52 2.93
C ALA A 129 26.70 6.04 2.91
N VAL A 130 25.92 6.71 2.07
CA VAL A 130 25.96 8.16 2.00
C VAL A 130 25.37 8.79 3.27
N ALA A 131 24.25 8.25 3.75
CA ALA A 131 23.61 8.79 4.94
C ALA A 131 24.53 8.66 6.16
N ARG A 132 25.27 7.57 6.25
CA ARG A 132 26.17 7.34 7.38
C ARG A 132 27.28 8.42 7.44
N GLU A 133 27.74 8.86 6.26
CA GLU A 133 28.74 9.93 6.19
C GLU A 133 28.07 11.29 6.37
N ALA A 134 26.88 11.46 5.78
CA ALA A 134 26.18 12.74 5.82
C ALA A 134 25.80 13.15 7.23
N LYS A 135 25.47 12.21 8.10
CA LYS A 135 25.06 12.62 9.44
C LYS A 135 26.22 13.24 10.22
N LYS A 136 27.46 13.02 9.77
CA LYS A 136 28.63 13.62 10.38
C LYS A 136 28.71 15.12 10.11
N VAL A 137 28.07 15.58 9.04
CA VAL A 137 28.20 16.97 8.62
C VAL A 137 26.87 17.73 8.73
N MET A 138 25.78 16.99 8.97
CA MET A 138 24.46 17.61 9.06
C MET A 138 24.16 17.90 10.53
N THR A 139 24.99 18.75 11.12
CA THR A 139 24.92 19.00 12.56
C THR A 139 23.69 19.82 12.96
N GLU A 140 23.07 20.51 12.00
CA GLU A 140 21.83 21.21 12.33
C GLU A 140 20.60 20.45 11.79
N GLY A 141 20.78 19.19 11.44
CA GLY A 141 19.69 18.40 10.88
C GLY A 141 19.42 18.77 9.44
N GLY A 142 18.32 18.28 8.90
CA GLY A 142 17.97 18.55 7.52
C GLY A 142 17.37 17.32 6.86
N ASN A 143 17.50 17.24 5.54
CA ASN A 143 16.83 16.20 4.76
C ASN A 143 17.79 15.47 3.82
N ILE A 144 17.61 14.15 3.74
CA ILE A 144 18.30 13.34 2.73
C ILE A 144 17.25 12.87 1.74
N LEU A 145 17.46 13.20 0.47
CA LEU A 145 16.50 12.87 -0.59
C LEU A 145 17.06 11.80 -1.51
N THR A 146 16.20 10.88 -1.95
CA THR A 146 16.60 9.97 -3.01
C THR A 146 15.50 9.93 -4.06
N LEU A 147 15.83 9.37 -5.22
CA LEU A 147 14.88 9.27 -6.32
C LEU A 147 14.50 7.82 -6.58
N THR A 148 13.23 7.60 -6.83
CA THR A 148 12.79 6.25 -7.12
C THR A 148 11.79 6.32 -8.24
N TYR A 149 11.11 5.22 -8.50
CA TYR A 149 10.23 5.10 -9.64
C TYR A 149 9.14 4.10 -9.32
N LEU A 150 8.00 4.25 -9.98
CA LEU A 150 6.84 3.40 -9.72
C LEU A 150 7.20 1.91 -9.82
N GLY A 151 8.24 1.61 -10.59
CA GLY A 151 8.69 0.25 -10.81
C GLY A 151 9.21 -0.44 -9.57
N GLY A 152 9.52 0.34 -8.52
CA GLY A 152 9.85 -0.22 -7.22
C GLY A 152 8.64 -0.65 -6.39
N GLU A 153 7.45 -0.22 -6.80
CA GLU A 153 6.22 -0.56 -6.09
C GLU A 153 5.40 -1.59 -6.85
N ARG A 154 5.36 -1.45 -8.17
CA ARG A 154 4.56 -2.33 -9.01
C ARG A 154 5.36 -2.67 -10.27
N VAL A 155 4.90 -3.67 -11.01
CA VAL A 155 5.70 -4.17 -12.12
C VAL A 155 5.60 -3.28 -13.34
N VAL A 156 6.75 -2.79 -13.80
CA VAL A 156 6.79 -1.98 -14.99
C VAL A 156 7.65 -2.69 -16.03
N LYS A 157 7.20 -2.67 -17.28
CA LYS A 157 7.89 -3.38 -18.35
C LYS A 157 9.37 -3.03 -18.44
N ASN A 158 10.20 -4.07 -18.44
CA ASN A 158 11.65 -3.98 -18.64
C ASN A 158 12.42 -3.27 -17.52
N TYR A 159 11.74 -2.85 -16.46
CA TYR A 159 12.43 -2.23 -15.34
C TYR A 159 13.19 -3.31 -14.56
N ASN A 160 12.58 -4.49 -14.48
CA ASN A 160 13.21 -5.72 -13.97
C ASN A 160 14.10 -5.52 -12.74
N VAL A 161 15.42 -5.73 -12.89
CA VAL A 161 16.31 -5.73 -11.73
C VAL A 161 16.33 -4.37 -11.03
N MET A 162 16.10 -3.30 -11.78
CA MET A 162 16.08 -1.96 -11.19
C MET A 162 14.82 -1.79 -10.35
N GLY A 163 13.74 -2.49 -10.71
CA GLY A 163 12.54 -2.47 -9.90
C GLY A 163 12.81 -3.00 -8.50
N VAL A 164 13.58 -4.08 -8.44
CA VAL A 164 13.90 -4.69 -7.15
C VAL A 164 14.89 -3.83 -6.38
N ALA A 165 15.85 -3.21 -7.07
CA ALA A 165 16.76 -2.26 -6.41
C ALA A 165 16.00 -1.05 -5.83
N LYS A 166 15.02 -0.54 -6.58
CA LYS A 166 14.23 0.58 -6.07
C LYS A 166 13.35 0.17 -4.89
N ALA A 167 12.84 -1.08 -4.89
CA ALA A 167 12.09 -1.57 -3.73
C ALA A 167 13.01 -1.57 -2.50
N SER A 168 14.24 -2.00 -2.74
CA SER A 168 15.24 -2.03 -1.68
C SER A 168 15.56 -0.59 -1.20
N LEU A 169 15.73 0.33 -2.14
CA LEU A 169 15.93 1.74 -1.82
C LEU A 169 14.76 2.34 -1.01
N GLU A 170 13.52 2.06 -1.41
CA GLU A 170 12.37 2.63 -0.72
C GLU A 170 12.23 2.11 0.73
N ALA A 171 12.54 0.83 0.94
CA ALA A 171 12.56 0.28 2.29
C ALA A 171 13.71 0.90 3.11
N SER A 172 14.86 1.10 2.47
CA SER A 172 15.99 1.77 3.12
C SER A 172 15.63 3.19 3.56
N VAL A 173 14.89 3.90 2.72
CA VAL A 173 14.38 5.21 3.11
C VAL A 173 13.64 5.14 4.44
N LYS A 174 12.77 4.13 4.60
CA LYS A 174 12.00 4.02 5.84
C LYS A 174 12.89 3.69 7.03
N TYR A 175 13.76 2.70 6.88
CA TYR A 175 14.58 2.30 8.00
C TYR A 175 15.59 3.39 8.38
N LEU A 176 16.11 4.12 7.38
CA LEU A 176 16.98 5.25 7.67
C LEU A 176 16.21 6.39 8.36
N ALA A 177 15.00 6.68 7.87
CA ALA A 177 14.21 7.72 8.51
C ALA A 177 14.01 7.41 9.98
N ASN A 178 13.80 6.15 10.31
CA ASN A 178 13.59 5.80 11.69
C ASN A 178 14.90 5.76 12.53
N ASP A 179 16.08 5.61 11.90
CA ASP A 179 17.33 5.83 12.64
C ASP A 179 17.67 7.31 12.84
N LEU A 180 17.46 8.11 11.81
CA LEU A 180 18.10 9.43 11.78
C LEU A 180 17.21 10.55 12.31
N GLY A 181 15.91 10.30 12.43
CA GLY A 181 14.97 11.31 12.90
C GLY A 181 15.33 11.87 14.28
N GLN A 182 15.82 11.02 15.17
CA GLN A 182 16.21 11.45 16.52
C GLN A 182 17.40 12.41 16.47
N HIS A 183 18.11 12.44 15.35
CA HIS A 183 19.21 13.37 15.15
C HIS A 183 18.78 14.58 14.33
N GLY A 184 17.48 14.78 14.15
CA GLY A 184 16.98 15.91 13.38
C GLY A 184 17.11 15.74 11.87
N ILE A 185 17.38 14.52 11.41
CA ILE A 185 17.57 14.31 9.98
C ILE A 185 16.38 13.54 9.39
N ARG A 186 15.76 14.14 8.39
CA ARG A 186 14.65 13.49 7.69
C ARG A 186 15.18 12.75 6.47
N VAL A 187 14.47 11.71 6.04
CA VAL A 187 14.83 10.92 4.86
C VAL A 187 13.57 10.66 4.02
N ASN A 188 13.61 11.12 2.76
CA ASN A 188 12.42 11.03 1.90
C ASN A 188 12.81 10.67 0.48
N ALA A 189 11.82 10.23 -0.29
CA ALA A 189 12.04 9.91 -1.69
C ALA A 189 11.10 10.74 -2.55
N ILE A 190 11.51 10.95 -3.80
CA ILE A 190 10.59 11.41 -4.84
C ILE A 190 10.50 10.31 -5.88
N SER A 191 9.27 9.91 -6.20
CA SER A 191 9.03 8.94 -7.25
C SER A 191 8.67 9.70 -8.52
N ALA A 192 9.61 9.79 -9.45
CA ALA A 192 9.42 10.60 -10.64
C ALA A 192 8.81 9.78 -11.76
N GLY A 193 7.89 10.38 -12.50
CA GLY A 193 7.36 9.76 -13.70
C GLY A 193 8.39 9.84 -14.80
N PRO A 194 8.16 9.12 -15.92
CA PRO A 194 9.06 9.24 -17.08
C PRO A 194 9.14 10.67 -17.59
N ILE A 195 10.33 11.06 -17.99
CA ILE A 195 10.58 12.41 -18.48
C ILE A 195 11.07 12.33 -19.93
N ARG A 196 10.57 13.22 -20.77
CA ARG A 196 10.84 13.17 -22.21
C ARG A 196 12.33 13.11 -22.55
N THR A 197 13.14 13.90 -21.84
CA THR A 197 14.57 14.00 -22.10
C THR A 197 15.36 12.74 -21.70
N LEU A 198 14.81 11.95 -20.79
CA LEU A 198 15.50 10.76 -20.29
C LEU A 198 14.80 9.47 -20.72
N ASP A 205 11.40 1.16 -26.61
CA ASP A 205 10.43 2.09 -27.20
C ASP A 205 9.87 3.05 -26.14
N PHE A 206 10.60 4.14 -25.95
CA PHE A 206 10.30 5.09 -24.89
C PHE A 206 9.13 6.01 -25.24
N ASN A 207 9.00 6.35 -26.51
CA ASN A 207 8.00 7.32 -26.96
C ASN A 207 6.56 6.86 -26.78
N SER A 208 6.35 5.55 -26.81
CA SER A 208 5.00 5.04 -26.64
C SER A 208 4.64 5.09 -25.15
N ILE A 209 5.65 4.92 -24.30
CA ILE A 209 5.48 5.06 -22.85
C ILE A 209 5.04 6.48 -22.54
N LEU A 210 5.81 7.46 -23.02
CA LEU A 210 5.47 8.87 -22.86
C LEU A 210 4.08 9.17 -23.41
N ARG A 211 3.76 8.65 -24.59
CA ARG A 211 2.45 8.90 -25.20
C ARG A 211 1.33 8.36 -24.33
N GLU A 212 1.51 7.17 -23.78
CA GLU A 212 0.48 6.60 -22.93
C GLU A 212 0.29 7.39 -21.62
N ILE A 213 1.37 7.94 -21.07
CA ILE A 213 1.24 8.82 -19.89
C ILE A 213 0.47 10.08 -20.25
N GLU A 214 0.79 10.67 -21.40
CA GLU A 214 0.12 11.88 -21.85
C GLU A 214 -1.36 11.60 -22.02
N GLU A 215 -1.70 10.39 -22.45
CA GLU A 215 -3.09 9.99 -22.61
C GLU A 215 -3.80 9.65 -21.30
N ARG A 216 -3.12 8.95 -20.40
CA ARG A 216 -3.81 8.38 -19.23
C ARG A 216 -3.57 9.09 -17.89
N ALA A 217 -2.41 9.73 -17.72
CA ALA A 217 -2.14 10.40 -16.45
C ALA A 217 -3.21 11.48 -16.20
N PRO A 218 -3.64 11.62 -14.93
CA PRO A 218 -4.58 12.69 -14.55
C PRO A 218 -4.24 14.05 -15.12
N LEU A 219 -2.97 14.46 -15.13
CA LEU A 219 -2.63 15.80 -15.61
C LEU A 219 -2.35 15.82 -17.13
N ARG A 220 -2.45 14.65 -17.76
CA ARG A 220 -2.36 14.54 -19.23
C ARG A 220 -1.05 15.09 -19.78
N ARG A 221 0.05 14.82 -19.09
CA ARG A 221 1.34 15.28 -19.56
C ARG A 221 2.42 14.52 -18.83
N THR A 222 3.61 14.48 -19.39
CA THR A 222 4.70 13.78 -18.73
C THR A 222 5.34 14.71 -17.72
N THR A 223 6.33 14.21 -16.98
CA THR A 223 6.98 14.93 -15.91
C THR A 223 8.18 15.74 -16.43
N THR A 224 8.58 16.78 -15.72
CA THR A 224 9.81 17.51 -16.07
C THR A 224 10.82 17.46 -14.92
N GLN A 225 12.10 17.61 -15.26
CA GLN A 225 13.15 17.68 -14.25
C GLN A 225 12.85 18.80 -13.27
N GLU A 226 12.26 19.88 -13.77
CA GLU A 226 11.91 21.05 -12.96
C GLU A 226 10.81 20.78 -11.93
N GLU A 227 9.80 19.99 -12.32
CA GLU A 227 8.74 19.59 -11.40
C GLU A 227 9.34 18.77 -10.25
N VAL A 228 10.28 17.90 -10.58
CA VAL A 228 10.97 17.13 -9.54
C VAL A 228 11.82 18.04 -8.65
N GLY A 229 12.60 18.92 -9.26
CA GLY A 229 13.44 19.83 -8.49
C GLY A 229 12.63 20.70 -7.53
N ASP A 230 11.45 21.13 -7.95
CA ASP A 230 10.65 22.02 -7.10
C ASP A 230 10.05 21.27 -5.92
N THR A 231 9.71 20.00 -6.13
CA THR A 231 9.30 19.17 -5.00
C THR A 231 10.50 18.92 -4.08
N ALA A 232 11.70 18.82 -4.67
CA ALA A 232 12.90 18.67 -3.84
C ALA A 232 13.10 19.91 -2.97
N VAL A 233 12.83 21.08 -3.55
CA VAL A 233 12.93 22.34 -2.78
C VAL A 233 12.08 22.25 -1.53
N PHE A 234 10.81 21.85 -1.68
CA PHE A 234 9.94 21.62 -0.53
C PHE A 234 10.58 20.70 0.51
N LEU A 235 11.00 19.52 0.08
CA LEU A 235 11.46 18.50 1.03
C LEU A 235 12.75 18.91 1.77
N PHE A 236 13.61 19.68 1.10
CA PHE A 236 14.83 20.17 1.76
C PHE A 236 14.54 21.37 2.68
N SER A 237 13.41 22.04 2.46
CA SER A 237 13.09 23.26 3.18
C SER A 237 12.47 23.00 4.54
N ASP A 238 12.38 24.05 5.36
CA ASP A 238 11.73 23.95 6.67
C ASP A 238 10.23 23.67 6.54
N LEU A 239 9.64 23.96 5.38
CA LEU A 239 8.22 23.66 5.16
C LEU A 239 7.90 22.18 5.34
N ALA A 240 8.89 21.31 5.08
CA ALA A 240 8.68 19.86 5.17
C ALA A 240 9.16 19.26 6.48
N ARG A 241 9.31 20.09 7.50
CA ARG A 241 9.93 19.63 8.75
C ARG A 241 9.16 18.54 9.48
N GLY A 242 7.87 18.36 9.19
CA GLY A 242 7.13 17.26 9.78
C GLY A 242 7.08 16.00 8.91
N VAL A 243 7.81 16.01 7.79
CA VAL A 243 7.71 14.97 6.77
C VAL A 243 8.98 14.11 6.72
N THR A 244 8.86 12.84 7.09
CA THR A 244 9.99 11.94 6.92
C THR A 244 9.51 10.53 6.62
N GLY A 245 10.35 9.73 5.97
CA GLY A 245 9.95 8.38 5.58
C GLY A 245 8.91 8.35 4.49
N GLU A 246 8.79 9.44 3.76
CA GLU A 246 7.73 9.61 2.78
C GLU A 246 8.25 9.45 1.34
N ASN A 247 7.34 9.11 0.43
CA ASN A 247 7.62 8.95 -0.99
C ASN A 247 6.59 9.78 -1.76
N ILE A 248 7.03 10.94 -2.26
CA ILE A 248 6.11 11.82 -2.97
C ILE A 248 6.18 11.53 -4.45
N HIS A 249 5.04 11.17 -5.04
CA HIS A 249 4.99 10.88 -6.47
C HIS A 249 4.92 12.18 -7.26
N VAL A 250 5.91 12.39 -8.10
CA VAL A 250 5.89 13.53 -9.00
C VAL A 250 5.80 12.96 -10.41
N ASP A 251 4.59 12.60 -10.79
CA ASP A 251 4.39 11.75 -11.94
C ASP A 251 3.09 12.05 -12.65
N SER A 252 2.61 13.29 -12.50
CA SER A 252 1.35 13.74 -13.12
C SER A 252 0.14 12.91 -12.66
N GLY A 253 0.27 12.26 -11.51
CA GLY A 253 -0.83 11.50 -10.93
C GLY A 253 -0.92 10.06 -11.38
N TYR A 254 0.03 9.62 -12.21
CA TYR A 254 -0.07 8.32 -12.87
C TYR A 254 -0.19 7.16 -11.89
N HIS A 255 0.51 7.28 -10.75
CA HIS A 255 0.51 6.26 -9.70
C HIS A 255 -0.87 5.87 -9.14
N ILE A 256 -1.89 6.70 -9.32
CA ILE A 256 -3.20 6.36 -8.76
C ILE A 256 -4.01 5.44 -9.67
N LEU A 257 -3.53 5.21 -10.90
CA LEU A 257 -4.30 4.44 -11.87
C LEU A 257 -4.17 2.93 -11.66
N GLY A 258 -5.31 2.24 -11.76
CA GLY A 258 -5.33 0.79 -11.78
C GLY A 258 -5.28 0.32 -13.24
N MET B 3 8.23 33.76 1.35
CA MET B 3 6.98 34.35 1.83
C MET B 3 6.24 35.08 0.71
N GLU B 4 6.23 34.47 -0.47
CA GLU B 4 5.61 35.11 -1.62
C GLU B 4 5.21 34.06 -2.64
N LEU B 5 5.25 32.79 -2.22
CA LEU B 5 4.85 31.67 -3.08
C LEU B 5 3.45 31.85 -3.64
N LEU B 6 2.55 32.36 -2.81
CA LEU B 6 1.14 32.43 -3.17
C LEU B 6 0.63 33.86 -3.39
N GLN B 7 1.53 34.78 -3.74
CA GLN B 7 1.13 36.16 -3.94
C GLN B 7 0.19 36.24 -5.13
N GLY B 8 -0.86 37.03 -4.99
CA GLY B 8 -1.81 37.19 -6.08
C GLY B 8 -2.86 36.09 -6.16
N LYS B 9 -2.78 35.12 -5.26
CA LYS B 9 -3.70 33.97 -5.31
C LYS B 9 -4.72 33.98 -4.18
N THR B 10 -5.90 33.42 -4.46
CA THR B 10 -7.00 33.42 -3.50
C THR B 10 -7.45 31.98 -3.21
N PHE B 11 -7.56 31.65 -1.93
CA PHE B 11 -7.96 30.31 -1.52
C PHE B 11 -9.18 30.34 -0.62
N VAL B 12 -10.05 29.35 -0.76
CA VAL B 12 -11.15 29.16 0.18
C VAL B 12 -10.72 28.18 1.25
N VAL B 13 -10.83 28.60 2.50
CA VAL B 13 -10.52 27.73 3.61
C VAL B 13 -11.79 27.34 4.35
N MET B 14 -12.11 26.06 4.33
CA MET B 14 -13.33 25.56 4.97
C MET B 14 -12.98 24.77 6.21
N GLY B 15 -13.71 24.99 7.30
CA GLY B 15 -13.57 24.17 8.50
C GLY B 15 -12.85 24.79 9.68
N VAL B 16 -12.62 26.09 9.65
CA VAL B 16 -12.13 26.75 10.85
C VAL B 16 -13.23 26.73 11.91
N ALA B 17 -12.92 26.26 13.11
CA ALA B 17 -13.88 26.30 14.22
C ALA B 17 -13.32 27.11 15.40
N ASN B 18 -12.01 27.02 15.60
CA ASN B 18 -11.33 27.86 16.58
C ASN B 18 -9.84 27.96 16.28
N GLN B 19 -9.09 28.53 17.20
CA GLN B 19 -7.70 28.90 17.00
C GLN B 19 -6.83 27.66 16.89
N ARG B 20 -7.34 26.52 17.37
CA ARG B 20 -6.59 25.29 17.33
C ARG B 20 -6.92 24.40 16.13
N SER B 21 -7.91 24.80 15.33
CA SER B 21 -8.27 24.10 14.10
C SER B 21 -7.10 23.94 13.16
N ILE B 22 -6.95 22.77 12.56
CA ILE B 22 -5.90 22.61 11.57
C ILE B 22 -6.12 23.60 10.43
N ALA B 23 -7.39 23.86 10.11
CA ALA B 23 -7.73 24.81 9.06
C ALA B 23 -7.17 26.19 9.39
N TRP B 24 -7.08 26.52 10.68
CA TRP B 24 -6.52 27.81 11.08
C TRP B 24 -4.99 27.81 10.94
N GLY B 25 -4.35 26.69 11.25
CA GLY B 25 -2.94 26.49 10.91
C GLY B 25 -2.69 26.70 9.43
N ILE B 26 -3.54 26.10 8.61
CA ILE B 26 -3.43 26.25 7.16
C ILE B 26 -3.66 27.71 6.72
N ALA B 27 -4.70 28.37 7.25
CA ALA B 27 -4.95 29.77 6.90
C ALA B 27 -3.74 30.66 7.19
N ARG B 28 -3.13 30.47 8.35
CA ARG B 28 -1.98 31.29 8.73
C ARG B 28 -0.78 31.08 7.81
N SER B 29 -0.51 29.83 7.46
CA SER B 29 0.59 29.52 6.55
C SER B 29 0.31 30.12 5.18
N LEU B 30 -0.91 29.98 4.69
CA LEU B 30 -1.26 30.54 3.38
C LEU B 30 -1.10 32.06 3.42
N HIS B 31 -1.58 32.69 4.48
CA HIS B 31 -1.46 34.13 4.61
C HIS B 31 0.01 34.57 4.63
N ASN B 32 0.84 33.89 5.42
CA ASN B 32 2.26 34.20 5.45
C ASN B 32 2.94 34.03 4.09
N ALA B 33 2.34 33.21 3.23
CA ALA B 33 2.91 33.02 1.89
C ALA B 33 2.32 33.99 0.89
N GLY B 34 1.55 34.96 1.36
CA GLY B 34 1.04 36.02 0.49
C GLY B 34 -0.34 35.81 -0.10
N ALA B 35 -1.04 34.77 0.33
CA ALA B 35 -2.37 34.46 -0.23
C ALA B 35 -3.46 35.37 0.33
N LYS B 36 -4.47 35.63 -0.50
CA LYS B 36 -5.75 36.12 -0.03
C LYS B 36 -6.66 34.95 0.35
N LEU B 37 -7.43 35.10 1.42
CA LEU B 37 -8.26 34.02 1.94
C LEU B 37 -9.75 34.34 1.98
N ILE B 38 -10.57 33.32 1.69
CA ILE B 38 -12.00 33.34 1.93
C ILE B 38 -12.32 32.23 2.93
N PHE B 39 -13.10 32.55 3.96
CA PHE B 39 -13.44 31.54 4.95
C PHE B 39 -14.92 31.13 4.86
N THR B 40 -15.20 29.85 5.09
CA THR B 40 -16.56 29.41 5.32
C THR B 40 -16.70 28.96 6.76
N TYR B 41 -17.93 28.94 7.27
CA TYR B 41 -18.18 28.45 8.61
C TYR B 41 -19.44 27.59 8.60
N ALA B 42 -19.48 26.61 9.50
CA ALA B 42 -20.47 25.56 9.43
C ALA B 42 -21.84 26.07 9.84
N GLY B 43 -22.00 26.48 11.10
CA GLY B 43 -23.26 27.08 11.52
C GLY B 43 -23.08 28.42 12.22
N GLU B 44 -24.20 29.08 12.53
CA GLU B 44 -24.16 30.41 13.15
C GLU B 44 -23.35 30.45 14.45
N ARG B 45 -23.29 29.32 15.16
CA ARG B 45 -22.55 29.24 16.42
C ARG B 45 -21.04 29.47 16.24
N LEU B 46 -20.55 29.22 15.03
CA LEU B 46 -19.13 29.34 14.70
C LEU B 46 -18.80 30.66 14.04
N GLU B 47 -19.83 31.41 13.65
CA GLU B 47 -19.67 32.63 12.87
C GLU B 47 -18.69 33.60 13.51
N ARG B 48 -18.85 33.84 14.81
CA ARG B 48 -18.03 34.83 15.52
C ARG B 48 -16.56 34.41 15.61
N ASN B 49 -16.32 33.15 15.97
CA ASN B 49 -14.97 32.59 16.01
C ASN B 49 -14.21 32.77 14.69
N VAL B 50 -14.84 32.37 13.61
CA VAL B 50 -14.18 32.45 12.32
C VAL B 50 -13.92 33.90 11.97
N ARG B 51 -14.91 34.77 12.19
CA ARG B 51 -14.72 36.17 11.82
C ARG B 51 -13.60 36.81 12.64
N GLU B 52 -13.58 36.51 13.94
CA GLU B 52 -12.58 37.07 14.85
C GLU B 52 -11.17 36.65 14.43
N LEU B 53 -11.02 35.37 14.10
CA LEU B 53 -9.74 34.86 13.63
C LEU B 53 -9.38 35.48 12.28
N ALA B 54 -10.35 35.58 11.37
CA ALA B 54 -10.07 36.17 10.07
C ALA B 54 -9.62 37.64 10.19
N ASP B 55 -10.19 38.39 11.14
CA ASP B 55 -9.82 39.78 11.34
C ASP B 55 -8.39 39.96 11.85
N THR B 56 -7.81 38.93 12.47
CA THR B 56 -6.45 39.05 12.98
C THR B 56 -5.44 39.01 11.84
N LEU B 57 -5.92 38.75 10.62
CA LEU B 57 -5.03 38.76 9.45
C LEU B 57 -4.83 40.17 8.90
N GLU B 58 -3.58 40.62 8.94
CA GLU B 58 -3.17 41.90 8.37
C GLU B 58 -3.55 42.02 6.89
N GLY B 59 -3.96 43.21 6.48
CA GLY B 59 -4.30 43.46 5.09
C GLY B 59 -5.80 43.54 4.86
N GLN B 60 -6.21 43.32 3.62
CA GLN B 60 -7.63 43.32 3.24
C GLN B 60 -8.44 42.40 4.15
N GLU B 61 -9.64 42.82 4.51
CA GLU B 61 -10.48 41.99 5.38
C GLU B 61 -11.21 40.91 4.55
N SER B 62 -11.35 39.73 5.14
CA SER B 62 -11.74 38.55 4.40
C SER B 62 -13.24 38.29 4.37
N LEU B 63 -13.69 37.79 3.23
CA LEU B 63 -15.02 37.23 3.08
C LEU B 63 -15.21 36.05 4.05
N VAL B 64 -16.30 36.06 4.81
CA VAL B 64 -16.62 34.98 5.75
C VAL B 64 -18.06 34.52 5.55
N LEU B 65 -18.26 33.36 4.92
CA LEU B 65 -19.59 32.93 4.48
C LEU B 65 -20.10 31.64 5.12
N PRO B 66 -21.41 31.53 5.35
CA PRO B 66 -21.92 30.27 5.89
C PRO B 66 -21.94 29.19 4.80
N CYS B 67 -21.52 27.99 5.14
CA CYS B 67 -21.52 26.91 4.15
C CYS B 67 -21.64 25.56 4.82
N ASP B 68 -22.87 25.08 4.95
CA ASP B 68 -23.17 23.74 5.44
C ASP B 68 -22.97 22.79 4.27
N VAL B 69 -21.93 21.94 4.31
CA VAL B 69 -21.64 21.09 3.15
C VAL B 69 -22.61 19.92 2.97
N THR B 70 -23.54 19.74 3.90
CA THR B 70 -24.65 18.79 3.68
C THR B 70 -25.82 19.44 2.95
N ASN B 71 -25.76 20.77 2.77
CA ASN B 71 -26.86 21.54 2.17
C ASN B 71 -26.50 21.98 0.76
N ASP B 72 -27.03 21.27 -0.23
CA ASP B 72 -26.67 21.53 -1.61
C ASP B 72 -27.04 22.93 -2.10
N GLU B 73 -28.20 23.44 -1.69
CA GLU B 73 -28.59 24.81 -2.06
C GLU B 73 -27.61 25.83 -1.51
N GLU B 74 -27.22 25.67 -0.25
CA GLU B 74 -26.34 26.66 0.38
C GLU B 74 -24.93 26.58 -0.18
N LEU B 75 -24.47 25.36 -0.43
CA LEU B 75 -23.14 25.14 -1.01
C LEU B 75 -23.01 25.84 -2.35
N THR B 76 -24.03 25.68 -3.18
CA THR B 76 -24.03 26.31 -4.48
C THR B 76 -24.10 27.84 -4.37
N ALA B 77 -24.94 28.35 -3.47
CA ALA B 77 -25.09 29.80 -3.28
C ALA B 77 -23.79 30.41 -2.80
N CYS B 78 -23.17 29.74 -1.84
CA CYS B 78 -21.87 30.15 -1.31
C CYS B 78 -20.84 30.33 -2.42
N PHE B 79 -20.69 29.33 -3.29
CA PHE B 79 -19.69 29.46 -4.35
C PHE B 79 -20.13 30.40 -5.48
N GLU B 80 -21.43 30.62 -5.65
CA GLU B 80 -21.88 31.65 -6.57
C GLU B 80 -21.46 33.02 -6.02
N THR B 81 -21.63 33.20 -4.71
CA THR B 81 -21.26 34.47 -4.08
C THR B 81 -19.75 34.72 -4.23
N ILE B 82 -18.95 33.70 -3.96
CA ILE B 82 -17.49 33.80 -4.15
C ILE B 82 -17.15 34.21 -5.59
N LYS B 83 -17.81 33.59 -6.56
CA LYS B 83 -17.62 33.93 -7.96
C LYS B 83 -17.92 35.41 -8.19
N GLN B 84 -19.00 35.90 -7.59
CA GLN B 84 -19.39 37.29 -7.84
C GLN B 84 -18.46 38.25 -7.10
N GLU B 85 -17.89 37.83 -5.97
CA GLU B 85 -17.04 38.71 -5.20
C GLU B 85 -15.58 38.76 -5.71
N VAL B 86 -15.04 37.65 -6.23
CA VAL B 86 -13.61 37.63 -6.61
C VAL B 86 -13.35 37.07 -7.99
N GLY B 87 -14.35 36.44 -8.59
CA GLY B 87 -14.25 35.96 -9.97
C GLY B 87 -13.54 34.63 -10.12
N THR B 88 -12.30 34.56 -9.64
CA THR B 88 -11.45 33.39 -9.78
C THR B 88 -10.80 33.08 -8.44
N ILE B 89 -10.79 31.81 -8.06
CA ILE B 89 -10.01 31.39 -6.90
C ILE B 89 -8.97 30.36 -7.35
N HIS B 90 -7.97 30.09 -6.51
CA HIS B 90 -6.88 29.25 -6.96
C HIS B 90 -6.73 27.96 -6.18
N GLY B 91 -7.64 27.73 -5.24
CA GLY B 91 -7.63 26.50 -4.49
C GLY B 91 -8.63 26.49 -3.35
N VAL B 92 -8.86 25.30 -2.79
CA VAL B 92 -9.75 25.14 -1.65
C VAL B 92 -9.12 24.21 -0.63
N ALA B 93 -9.16 24.61 0.65
CA ALA B 93 -8.76 23.72 1.74
C ALA B 93 -9.99 23.11 2.39
N HIS B 94 -10.23 21.83 2.15
CA HIS B 94 -11.34 21.08 2.73
C HIS B 94 -10.89 20.46 4.04
N CYS B 95 -11.30 21.06 5.17
CA CYS B 95 -10.94 20.54 6.49
C CYS B 95 -12.19 20.23 7.31
N ILE B 96 -13.01 19.34 6.79
CA ILE B 96 -14.33 19.10 7.34
C ILE B 96 -14.53 17.63 7.63
N ALA B 97 -14.94 17.31 8.85
CA ALA B 97 -15.18 15.94 9.26
C ALA B 97 -16.11 15.90 10.45
N PHE B 98 -16.92 14.86 10.53
CA PHE B 98 -17.76 14.64 11.71
C PHE B 98 -18.18 13.19 11.82
N ALA B 99 -18.24 12.72 13.06
CA ALA B 99 -18.91 11.47 13.40
C ALA B 99 -19.50 11.62 14.80
N ASN B 100 -20.60 10.91 15.07
CA ASN B 100 -21.19 10.90 16.40
C ASN B 100 -20.25 10.30 17.43
N ARG B 101 -20.23 10.87 18.63
CA ARG B 101 -19.35 10.35 19.66
C ARG B 101 -19.70 8.92 20.08
N ASP B 102 -20.99 8.57 20.03
CA ASP B 102 -21.43 7.23 20.39
C ASP B 102 -20.83 6.16 19.48
N ASP B 103 -20.77 6.45 18.18
CA ASP B 103 -20.17 5.52 17.23
C ASP B 103 -18.68 5.36 17.49
N LEU B 104 -18.00 6.47 17.75
CA LEU B 104 -16.55 6.44 18.04
C LEU B 104 -16.24 5.74 19.36
N LYS B 105 -17.18 5.77 20.30
CA LYS B 105 -16.99 5.17 21.61
C LYS B 105 -17.13 3.64 21.61
N GLY B 106 -18.09 3.12 20.84
CA GLY B 106 -18.34 1.70 20.82
C GLY B 106 -17.34 0.94 19.95
N GLU B 107 -17.53 -0.37 19.83
CA GLU B 107 -16.83 -1.15 18.82
C GLU B 107 -17.38 -0.81 17.44
N PHE B 108 -16.54 -0.95 16.41
CA PHE B 108 -16.96 -0.57 15.06
C PHE B 108 -18.19 -1.36 14.56
N VAL B 109 -18.27 -2.62 14.93
CA VAL B 109 -19.36 -3.47 14.47
C VAL B 109 -20.73 -2.98 14.98
N ASP B 110 -20.73 -2.16 16.04
CA ASP B 110 -21.96 -1.60 16.59
C ASP B 110 -22.27 -0.19 16.06
N THR B 111 -21.58 0.23 15.01
CA THR B 111 -21.85 1.55 14.42
C THR B 111 -23.28 1.61 13.91
N SER B 112 -23.99 2.69 14.23
CA SER B 112 -25.37 2.81 13.74
C SER B 112 -25.37 3.15 12.27
N ARG B 113 -26.41 2.71 11.56
CA ARG B 113 -26.56 3.01 10.14
C ARG B 113 -26.57 4.52 9.90
N ASP B 114 -27.35 5.25 10.68
CA ASP B 114 -27.46 6.69 10.52
C ASP B 114 -26.12 7.40 10.80
N GLY B 115 -25.40 6.96 11.81
CA GLY B 115 -24.11 7.54 12.12
C GLY B 115 -23.07 7.25 11.05
N PHE B 116 -23.14 6.07 10.44
CA PHE B 116 -22.25 5.71 9.34
C PHE B 116 -22.48 6.64 8.16
N LEU B 117 -23.73 6.84 7.79
CA LEU B 117 -24.09 7.64 6.61
C LEU B 117 -23.82 9.12 6.87
N LEU B 118 -24.02 9.55 8.11
CA LEU B 118 -23.70 10.91 8.51
C LEU B 118 -22.19 11.20 8.35
N ALA B 119 -21.36 10.31 8.89
CA ALA B 119 -19.92 10.45 8.77
C ALA B 119 -19.48 10.46 7.30
N GLN B 120 -20.05 9.56 6.50
CA GLN B 120 -19.74 9.53 5.08
C GLN B 120 -20.15 10.81 4.37
N ASN B 121 -21.36 11.30 4.68
CA ASN B 121 -21.89 12.49 4.04
C ASN B 121 -21.02 13.71 4.36
N ILE B 122 -20.74 13.92 5.63
CA ILE B 122 -20.00 15.10 6.03
C ILE B 122 -18.49 14.98 5.77
N SER B 123 -17.91 13.81 6.04
CA SER B 123 -16.45 13.68 6.02
C SER B 123 -15.87 13.22 4.68
N ALA B 124 -16.69 12.61 3.83
CA ALA B 124 -16.17 12.06 2.58
C ALA B 124 -16.87 12.66 1.38
N PHE B 125 -18.20 12.52 1.30
CA PHE B 125 -18.89 13.05 0.12
C PHE B 125 -18.69 14.57 -0.06
N SER B 126 -18.61 15.29 1.05
CA SER B 126 -18.45 16.75 0.96
C SER B 126 -17.23 17.19 0.15
N LEU B 127 -16.18 16.38 0.10
CA LEU B 127 -15.05 16.75 -0.74
C LEU B 127 -15.50 16.87 -2.20
N THR B 128 -16.30 15.91 -2.64
CA THR B 128 -16.79 15.88 -4.01
C THR B 128 -17.78 17.02 -4.27
N ALA B 129 -18.72 17.21 -3.34
CA ALA B 129 -19.69 18.30 -3.44
C ALA B 129 -18.96 19.65 -3.54
N VAL B 130 -17.98 19.86 -2.67
CA VAL B 130 -17.14 21.08 -2.75
C VAL B 130 -16.34 21.17 -4.07
N ALA B 131 -15.70 20.07 -4.48
CA ALA B 131 -14.94 20.06 -5.72
C ALA B 131 -15.82 20.43 -6.93
N ARG B 132 -17.05 19.95 -6.93
CA ARG B 132 -17.95 20.23 -8.05
C ARG B 132 -18.25 21.74 -8.20
N GLU B 133 -18.44 22.42 -7.08
CA GLU B 133 -18.61 23.88 -7.07
C GLU B 133 -17.29 24.60 -7.35
N ALA B 134 -16.22 24.10 -6.76
CA ALA B 134 -14.92 24.73 -6.89
C ALA B 134 -14.45 24.82 -8.34
N LYS B 135 -14.71 23.77 -9.14
CA LYS B 135 -14.21 23.81 -10.51
C LYS B 135 -14.90 24.92 -11.32
N LYS B 136 -16.03 25.43 -10.81
CA LYS B 136 -16.71 26.54 -11.47
C LYS B 136 -15.94 27.85 -11.34
N VAL B 137 -15.14 27.99 -10.29
CA VAL B 137 -14.42 29.23 -10.06
C VAL B 137 -12.90 29.07 -10.11
N MET B 138 -12.44 27.83 -10.30
CA MET B 138 -11.02 27.54 -10.46
C MET B 138 -10.62 27.44 -11.93
N THR B 139 -10.85 28.54 -12.63
CA THR B 139 -10.74 28.58 -14.09
C THR B 139 -9.29 28.63 -14.59
N GLU B 140 -8.35 28.90 -13.69
CA GLU B 140 -6.93 28.84 -14.01
C GLU B 140 -6.25 27.61 -13.42
N GLY B 141 -7.04 26.64 -12.97
CA GLY B 141 -6.49 25.47 -12.30
C GLY B 141 -6.08 25.78 -10.88
N GLY B 142 -5.39 24.85 -10.24
CA GLY B 142 -4.96 25.01 -8.86
C GLY B 142 -5.13 23.70 -8.10
N ASN B 143 -5.11 23.77 -6.78
CA ASN B 143 -5.15 22.56 -5.94
C ASN B 143 -6.35 22.53 -5.01
N ILE B 144 -6.93 21.35 -4.84
CA ILE B 144 -7.90 21.13 -3.79
C ILE B 144 -7.26 20.22 -2.75
N LEU B 145 -7.28 20.64 -1.50
CA LEU B 145 -6.61 19.95 -0.42
C LEU B 145 -7.63 19.37 0.56
N THR B 146 -7.42 18.15 1.02
CA THR B 146 -8.22 17.63 2.12
C THR B 146 -7.29 17.07 3.20
N LEU B 147 -7.83 16.87 4.39
CA LEU B 147 -7.09 16.34 5.51
C LEU B 147 -7.55 14.95 5.87
N THR B 148 -6.61 14.06 6.13
CA THR B 148 -6.97 12.71 6.51
C THR B 148 -6.10 12.23 7.65
N TYR B 149 -6.22 10.96 8.00
CA TYR B 149 -5.52 10.45 9.17
C TYR B 149 -5.15 8.99 8.93
N LEU B 150 -4.09 8.54 9.57
CA LEU B 150 -3.61 7.17 9.42
C LEU B 150 -4.74 6.13 9.57
N GLY B 151 -5.74 6.46 10.38
CA GLY B 151 -6.86 5.57 10.65
C GLY B 151 -7.68 5.22 9.42
N GLY B 152 -7.52 5.99 8.35
CA GLY B 152 -8.17 5.66 7.09
C GLY B 152 -7.41 4.61 6.30
N GLU B 153 -6.18 4.32 6.72
CA GLU B 153 -5.34 3.35 6.01
C GLU B 153 -5.22 2.05 6.78
N ARG B 154 -5.04 2.15 8.10
CA ARG B 154 -4.87 1.00 8.98
C ARG B 154 -5.64 1.22 10.28
N VAL B 155 -5.84 0.15 11.05
CA VAL B 155 -6.74 0.23 12.20
C VAL B 155 -6.14 1.00 13.37
N VAL B 156 -6.79 2.09 13.76
CA VAL B 156 -6.39 2.86 14.92
C VAL B 156 -7.51 2.82 15.97
N LYS B 157 -7.13 2.53 17.21
CA LYS B 157 -8.10 2.33 18.29
C LYS B 157 -9.05 3.53 18.43
N ASN B 158 -10.35 3.23 18.55
CA ASN B 158 -11.41 4.21 18.76
C ASN B 158 -11.73 5.09 17.55
N TYR B 159 -11.02 4.91 16.43
CA TYR B 159 -11.25 5.79 15.30
C TYR B 159 -12.42 5.27 14.45
N ASN B 160 -12.60 3.95 14.48
CA ASN B 160 -13.79 3.25 13.97
C ASN B 160 -14.48 3.86 12.74
N VAL B 161 -15.69 4.37 12.91
CA VAL B 161 -16.45 4.88 11.77
C VAL B 161 -15.74 6.03 11.03
N MET B 162 -14.91 6.81 11.73
CA MET B 162 -14.18 7.88 11.04
C MET B 162 -13.07 7.28 10.16
N GLY B 163 -12.51 6.15 10.58
CA GLY B 163 -11.52 5.45 9.78
C GLY B 163 -12.07 5.02 8.43
N VAL B 164 -13.30 4.50 8.44
CA VAL B 164 -13.93 4.08 7.21
C VAL B 164 -14.31 5.30 6.37
N ALA B 165 -14.70 6.40 7.02
CA ALA B 165 -14.99 7.61 6.25
C ALA B 165 -13.73 8.22 5.65
N LYS B 166 -12.61 8.16 6.39
CA LYS B 166 -11.35 8.63 5.80
C LYS B 166 -10.87 7.75 4.63
N ALA B 167 -11.14 6.45 4.68
CA ALA B 167 -10.80 5.57 3.54
C ALA B 167 -11.59 6.00 2.33
N SER B 168 -12.85 6.32 2.57
CA SER B 168 -13.72 6.80 1.52
C SER B 168 -13.19 8.14 1.00
N LEU B 169 -12.77 9.00 1.91
CA LEU B 169 -12.20 10.31 1.55
C LEU B 169 -10.93 10.15 0.70
N GLU B 170 -10.05 9.23 1.10
CA GLU B 170 -8.79 9.05 0.37
C GLU B 170 -9.03 8.47 -1.04
N ALA B 171 -10.02 7.61 -1.19
CA ALA B 171 -10.34 7.07 -2.52
C ALA B 171 -10.95 8.17 -3.40
N SER B 172 -11.74 9.03 -2.76
CA SER B 172 -12.34 10.18 -3.45
C SER B 172 -11.26 11.11 -3.98
N VAL B 173 -10.21 11.32 -3.19
CA VAL B 173 -9.09 12.13 -3.65
C VAL B 173 -8.52 11.59 -4.96
N LYS B 174 -8.39 10.27 -5.06
CA LYS B 174 -7.84 9.66 -6.28
C LYS B 174 -8.82 9.78 -7.46
N TYR B 175 -10.09 9.46 -7.25
CA TYR B 175 -11.03 9.57 -8.35
C TYR B 175 -11.23 11.02 -8.77
N LEU B 176 -11.26 11.94 -7.82
CA LEU B 176 -11.35 13.38 -8.16
C LEU B 176 -10.11 13.87 -8.91
N ALA B 177 -8.93 13.47 -8.46
CA ALA B 177 -7.70 13.80 -9.15
C ALA B 177 -7.76 13.33 -10.61
N ASN B 178 -8.27 12.13 -10.83
CA ASN B 178 -8.37 11.61 -12.18
C ASN B 178 -9.34 12.40 -13.06
N ASP B 179 -10.40 12.93 -12.46
CA ASP B 179 -11.38 13.78 -13.18
C ASP B 179 -10.86 15.17 -13.50
N LEU B 180 -10.27 15.83 -12.51
CA LEU B 180 -10.07 17.27 -12.57
C LEU B 180 -8.71 17.67 -13.16
N GLY B 181 -7.80 16.71 -13.24
CA GLY B 181 -6.47 16.97 -13.77
C GLY B 181 -6.49 17.58 -15.16
N GLN B 182 -7.40 17.10 -16.01
CA GLN B 182 -7.53 17.59 -17.39
C GLN B 182 -8.00 19.04 -17.44
N HIS B 183 -8.56 19.54 -16.32
CA HIS B 183 -8.95 20.95 -16.20
C HIS B 183 -7.93 21.75 -15.38
N GLY B 184 -6.72 21.23 -15.25
CA GLY B 184 -5.67 21.92 -14.53
C GLY B 184 -5.83 21.90 -13.02
N ILE B 185 -6.70 21.04 -12.51
CA ILE B 185 -6.92 21.03 -11.07
C ILE B 185 -6.35 19.79 -10.40
N ARG B 186 -5.50 20.01 -9.40
CA ARG B 186 -4.88 18.93 -8.64
C ARG B 186 -5.67 18.68 -7.37
N VAL B 187 -5.67 17.44 -6.89
CA VAL B 187 -6.39 17.08 -5.67
C VAL B 187 -5.47 16.21 -4.82
N ASN B 188 -5.24 16.64 -3.59
CA ASN B 188 -4.24 16.02 -2.75
C ASN B 188 -4.75 15.97 -1.31
N ALA B 189 -4.19 15.05 -0.53
CA ALA B 189 -4.46 15.01 0.90
C ALA B 189 -3.21 15.19 1.72
N ILE B 190 -3.39 15.69 2.93
CA ILE B 190 -2.37 15.65 3.95
C ILE B 190 -2.89 14.73 5.04
N SER B 191 -2.09 13.74 5.42
CA SER B 191 -2.43 12.85 6.52
C SER B 191 -1.70 13.35 7.76
N ALA B 192 -2.42 14.03 8.64
CA ALA B 192 -1.78 14.66 9.80
C ALA B 192 -1.66 13.67 10.94
N GLY B 193 -0.58 13.76 11.68
CA GLY B 193 -0.44 13.01 12.92
C GLY B 193 -1.25 13.71 14.00
N PRO B 194 -1.49 13.03 15.13
CA PRO B 194 -2.19 13.65 16.26
C PRO B 194 -1.48 14.91 16.76
N ILE B 195 -2.27 15.91 17.13
CA ILE B 195 -1.76 17.22 17.51
C ILE B 195 -2.16 17.53 18.97
N ARG B 196 -1.19 17.97 19.77
CA ARG B 196 -1.37 18.12 21.21
C ARG B 196 -2.54 19.02 21.58
N THR B 197 -2.58 20.20 20.96
CA THR B 197 -3.73 21.11 21.08
C THR B 197 -5.05 20.36 20.96
N LEU B 198 -5.35 19.91 19.75
CA LEU B 198 -6.54 19.12 19.43
C LEU B 198 -6.57 17.77 20.14
N ASP B 205 -8.12 8.51 26.41
CA ASP B 205 -6.84 8.95 26.96
C ASP B 205 -5.93 9.47 25.84
N PHE B 206 -6.18 10.70 25.42
CA PHE B 206 -5.46 11.32 24.31
C PHE B 206 -3.98 11.49 24.63
N ASN B 207 -3.67 11.67 25.91
CA ASN B 207 -2.31 11.97 26.31
C ASN B 207 -1.37 10.79 26.16
N SER B 208 -1.89 9.58 26.33
CA SER B 208 -1.04 8.40 26.24
C SER B 208 -0.69 8.15 24.78
N ILE B 209 -1.60 8.52 23.89
CA ILE B 209 -1.35 8.46 22.46
C ILE B 209 -0.23 9.45 22.09
N LEU B 210 -0.31 10.68 22.58
CA LEU B 210 0.71 11.68 22.30
C LEU B 210 2.07 11.23 22.80
N ARG B 211 2.09 10.64 23.98
CA ARG B 211 3.32 10.10 24.56
C ARG B 211 3.90 9.00 23.69
N GLU B 212 3.02 8.15 23.17
CA GLU B 212 3.46 7.03 22.36
C GLU B 212 4.11 7.52 21.06
N ILE B 213 3.57 8.59 20.51
CA ILE B 213 4.13 9.19 19.31
C ILE B 213 5.49 9.85 19.58
N GLU B 214 5.57 10.60 20.67
CA GLU B 214 6.83 11.21 21.08
C GLU B 214 7.90 10.16 21.30
N GLU B 215 7.48 9.00 21.77
CA GLU B 215 8.40 7.91 22.06
C GLU B 215 8.81 7.12 20.81
N ARG B 216 7.86 6.83 19.92
CA ARG B 216 8.12 5.90 18.83
C ARG B 216 8.28 6.54 17.45
N ALA B 217 7.73 7.72 17.23
CA ALA B 217 7.85 8.34 15.92
C ALA B 217 9.31 8.65 15.60
N PRO B 218 9.71 8.50 14.34
CA PRO B 218 11.07 8.87 13.90
C PRO B 218 11.54 10.24 14.39
N LEU B 219 10.74 11.29 14.27
CA LEU B 219 11.19 12.63 14.68
C LEU B 219 10.99 12.88 16.18
N ARG B 220 10.47 11.87 16.88
CA ARG B 220 10.37 11.88 18.34
C ARG B 220 9.56 13.07 18.87
N ARG B 221 8.55 13.49 18.12
CA ARG B 221 7.69 14.57 18.55
C ARG B 221 6.34 14.46 17.84
N THR B 222 5.33 15.15 18.37
CA THR B 222 4.01 15.10 17.77
C THR B 222 3.92 16.23 16.75
N THR B 223 2.82 16.24 16.01
CA THR B 223 2.62 17.17 14.89
C THR B 223 2.11 18.53 15.35
N THR B 224 2.36 19.58 14.58
CA THR B 224 1.76 20.89 14.85
C THR B 224 0.90 21.35 13.69
N GLN B 225 -0.01 22.28 13.96
CA GLN B 225 -0.87 22.87 12.93
C GLN B 225 -0.01 23.60 11.90
N GLU B 226 1.09 24.19 12.36
CA GLU B 226 1.96 24.94 11.48
C GLU B 226 2.72 24.02 10.50
N GLU B 227 3.09 22.82 10.96
CA GLU B 227 3.73 21.81 10.09
C GLU B 227 2.79 21.39 8.94
N VAL B 228 1.52 21.19 9.27
CA VAL B 228 0.49 20.87 8.28
C VAL B 228 0.26 22.05 7.34
N GLY B 229 0.11 23.25 7.91
CA GLY B 229 -0.09 24.45 7.12
C GLY B 229 1.04 24.69 6.14
N ASP B 230 2.28 24.46 6.57
CA ASP B 230 3.42 24.69 5.67
C ASP B 230 3.48 23.65 4.54
N THR B 231 3.08 22.42 4.81
CA THR B 231 2.95 21.42 3.74
C THR B 231 1.79 21.80 2.81
N ALA B 232 0.72 22.38 3.36
CA ALA B 232 -0.36 22.91 2.53
C ALA B 232 0.12 24.00 1.58
N VAL B 233 0.99 24.88 2.09
CA VAL B 233 1.56 25.93 1.23
C VAL B 233 2.24 25.31 0.00
N PHE B 234 3.10 24.31 0.21
CA PHE B 234 3.69 23.59 -0.92
C PHE B 234 2.63 23.06 -1.89
N LEU B 235 1.64 22.32 -1.38
CA LEU B 235 0.63 21.72 -2.27
C LEU B 235 -0.20 22.71 -3.06
N PHE B 236 -0.40 23.92 -2.50
CA PHE B 236 -1.14 24.97 -3.20
C PHE B 236 -0.30 25.77 -4.19
N SER B 237 1.02 25.70 -4.04
CA SER B 237 1.94 26.49 -4.87
C SER B 237 2.28 25.81 -6.19
N ASP B 238 2.92 26.56 -7.08
CA ASP B 238 3.40 26.01 -8.35
C ASP B 238 4.50 24.96 -8.16
N LEU B 239 5.12 24.93 -6.99
CA LEU B 239 6.16 23.94 -6.70
C LEU B 239 5.61 22.51 -6.81
N ALA B 240 4.31 22.37 -6.57
CA ALA B 240 3.68 21.06 -6.56
C ALA B 240 2.88 20.78 -7.83
N ARG B 241 3.15 21.52 -8.90
CA ARG B 241 2.34 21.38 -10.12
C ARG B 241 2.39 19.97 -10.74
N GLY B 242 3.40 19.17 -10.39
CA GLY B 242 3.45 17.79 -10.86
C GLY B 242 2.83 16.77 -9.91
N VAL B 243 2.23 17.25 -8.81
CA VAL B 243 1.74 16.34 -7.76
C VAL B 243 0.21 16.33 -7.63
N THR B 244 -0.40 15.18 -7.87
CA THR B 244 -1.84 15.06 -7.70
C THR B 244 -2.21 13.62 -7.34
N GLY B 245 -3.33 13.45 -6.66
CA GLY B 245 -3.77 12.15 -6.19
C GLY B 245 -2.88 11.61 -5.08
N GLU B 246 -2.16 12.50 -4.43
CA GLU B 246 -1.15 12.11 -3.45
C GLU B 246 -1.63 12.35 -2.01
N ASN B 247 -1.10 11.57 -1.08
CA ASN B 247 -1.40 11.69 0.33
C ASN B 247 -0.07 11.87 1.06
N ILE B 248 0.24 13.10 1.46
CA ILE B 248 1.49 13.37 2.15
C ILE B 248 1.32 13.26 3.65
N HIS B 249 2.12 12.41 4.30
CA HIS B 249 2.03 12.23 5.74
C HIS B 249 2.86 13.28 6.46
N VAL B 250 2.18 14.12 7.24
CA VAL B 250 2.82 15.09 8.11
C VAL B 250 2.57 14.60 9.53
N ASP B 251 3.41 13.69 9.98
CA ASP B 251 3.11 12.90 11.17
C ASP B 251 4.37 12.46 11.88
N SER B 252 5.45 13.22 11.66
CA SER B 252 6.76 12.94 12.26
C SER B 252 7.29 11.54 11.90
N GLY B 253 6.77 10.95 10.82
CA GLY B 253 7.25 9.67 10.32
C GLY B 253 6.50 8.45 10.83
N TYR B 254 5.48 8.65 11.66
CA TYR B 254 4.84 7.53 12.37
C TYR B 254 4.29 6.46 11.43
N HIS B 255 3.80 6.89 10.26
CA HIS B 255 3.18 6.01 9.27
C HIS B 255 4.09 4.87 8.76
N ILE B 256 5.41 5.04 8.87
CA ILE B 256 6.32 4.00 8.36
C ILE B 256 6.45 2.82 9.32
N LEU B 257 5.92 2.97 10.54
CA LEU B 257 6.13 1.95 11.58
C LEU B 257 5.20 0.74 11.45
N GLY B 258 5.77 -0.44 11.65
CA GLY B 258 5.00 -1.66 11.72
C GLY B 258 4.90 -2.14 13.15
N MET C 3 -7.30 -33.26 2.39
CA MET C 3 -6.28 -34.24 2.76
C MET C 3 -5.69 -34.89 1.53
N GLU C 4 -6.24 -34.56 0.37
CA GLU C 4 -5.74 -35.09 -0.89
C GLU C 4 -5.71 -33.97 -1.93
N LEU C 5 -5.66 -32.73 -1.44
CA LEU C 5 -5.55 -31.57 -2.34
C LEU C 5 -4.34 -31.68 -3.27
N LEU C 6 -3.24 -32.20 -2.75
CA LEU C 6 -1.98 -32.21 -3.49
C LEU C 6 -1.61 -33.61 -4.00
N GLN C 7 -2.60 -34.48 -4.15
CA GLN C 7 -2.35 -35.83 -4.64
C GLN C 7 -1.83 -35.80 -6.08
N GLY C 8 -0.79 -36.58 -6.35
CA GLY C 8 -0.19 -36.62 -7.67
C GLY C 8 0.76 -35.47 -7.94
N LYS C 9 1.06 -34.70 -6.89
CA LYS C 9 1.97 -33.56 -6.99
C LYS C 9 3.24 -33.75 -6.17
N THR C 10 4.33 -33.17 -6.66
CA THR C 10 5.63 -33.27 -6.02
C THR C 10 6.24 -31.88 -5.84
N PHE C 11 6.74 -31.59 -4.64
CA PHE C 11 7.29 -30.26 -4.37
C PHE C 11 8.69 -30.33 -3.82
N VAL C 12 9.49 -29.33 -4.15
CA VAL C 12 10.79 -29.19 -3.50
C VAL C 12 10.64 -28.27 -2.30
N VAL C 13 11.15 -28.73 -1.16
CA VAL C 13 11.13 -27.92 0.03
C VAL C 13 12.55 -27.52 0.40
N MET C 14 12.82 -26.21 0.38
CA MET C 14 14.15 -25.70 0.66
C MET C 14 14.16 -24.95 1.98
N GLY C 15 15.17 -25.23 2.80
CA GLY C 15 15.37 -24.48 4.02
C GLY C 15 15.04 -25.22 5.30
N VAL C 16 14.81 -26.53 5.22
CA VAL C 16 14.68 -27.30 6.46
C VAL C 16 16.02 -27.34 7.17
N ALA C 17 16.05 -26.93 8.43
CA ALA C 17 17.27 -27.01 9.23
C ALA C 17 17.06 -27.93 10.44
N ASN C 18 15.88 -27.84 11.05
CA ASN C 18 15.49 -28.73 12.14
C ASN C 18 13.97 -28.79 12.28
N GLN C 19 13.51 -29.32 13.40
CA GLN C 19 12.11 -29.67 13.57
C GLN C 19 11.20 -28.45 13.71
N ARG C 20 11.79 -27.31 14.08
CA ARG C 20 11.00 -26.10 14.25
C ARG C 20 11.16 -25.10 13.10
N SER C 21 11.93 -25.47 12.08
CA SER C 21 11.99 -24.70 10.83
C SER C 21 10.60 -24.55 10.25
N ILE C 22 10.26 -23.34 9.78
CA ILE C 22 8.96 -23.14 9.15
C ILE C 22 8.86 -24.04 7.93
N ALA C 23 10.00 -24.31 7.29
CA ALA C 23 10.04 -25.22 6.15
C ALA C 23 9.54 -26.62 6.54
N TRP C 24 9.88 -27.07 7.75
CA TRP C 24 9.41 -28.40 8.19
C TRP C 24 7.89 -28.41 8.46
N GLY C 25 7.39 -27.34 9.08
CA GLY C 25 5.96 -27.15 9.23
C GLY C 25 5.24 -27.15 7.89
N ILE C 26 5.80 -26.46 6.90
CA ILE C 26 5.25 -26.51 5.55
C ILE C 26 5.30 -27.94 4.98
N ALA C 27 6.43 -28.60 5.15
CA ALA C 27 6.58 -29.99 4.67
C ALA C 27 5.50 -30.92 5.24
N ARG C 28 5.25 -30.82 6.54
CA ARG C 28 4.21 -31.65 7.17
C ARG C 28 2.82 -31.38 6.58
N SER C 29 2.47 -30.10 6.41
CA SER C 29 1.16 -29.79 5.83
C SER C 29 1.05 -30.30 4.40
N LEU C 30 2.09 -30.12 3.60
CA LEU C 30 2.07 -30.60 2.21
C LEU C 30 1.91 -32.14 2.16
N HIS C 31 2.65 -32.83 3.02
CA HIS C 31 2.55 -34.28 3.12
C HIS C 31 1.12 -34.70 3.48
N ASN C 32 0.58 -34.11 4.54
CA ASN C 32 -0.78 -34.38 4.97
C ASN C 32 -1.82 -34.11 3.90
N ALA C 33 -1.48 -33.26 2.93
CA ALA C 33 -2.41 -32.98 1.83
C ALA C 33 -2.13 -33.88 0.63
N GLY C 34 -1.25 -34.86 0.82
CA GLY C 34 -1.04 -35.91 -0.18
C GLY C 34 0.14 -35.72 -1.12
N ALA C 35 1.00 -34.74 -0.84
CA ALA C 35 2.10 -34.41 -1.74
C ALA C 35 3.32 -35.32 -1.54
N LYS C 36 4.09 -35.50 -2.61
CA LYS C 36 5.44 -36.06 -2.48
C LYS C 36 6.44 -34.91 -2.34
N LEU C 37 7.48 -35.12 -1.54
CA LEU C 37 8.40 -34.04 -1.24
C LEU C 37 9.86 -34.38 -1.56
N ILE C 38 10.56 -33.36 -2.07
CA ILE C 38 12.01 -33.38 -2.25
C ILE C 38 12.59 -32.32 -1.33
N PHE C 39 13.63 -32.68 -0.60
CA PHE C 39 14.29 -31.76 0.35
C PHE C 39 15.70 -31.39 -0.10
N THR C 40 16.06 -30.14 0.15
CA THR C 40 17.43 -29.73 -0.03
C THR C 40 18.04 -29.38 1.32
N TYR C 41 19.36 -29.51 1.44
CA TYR C 41 20.05 -29.05 2.64
C TYR C 41 21.17 -28.12 2.24
N ALA C 42 21.34 -27.07 3.04
CA ALA C 42 22.21 -25.95 2.70
C ALA C 42 23.69 -26.33 2.78
N GLY C 43 24.03 -27.15 3.76
CA GLY C 43 25.41 -27.59 3.93
C GLY C 43 25.51 -28.93 4.64
N GLU C 44 26.69 -29.55 4.54
CA GLU C 44 26.97 -30.88 5.09
C GLU C 44 26.52 -31.06 6.54
N ARG C 45 26.71 -30.01 7.36
CA ARG C 45 26.33 -30.05 8.77
C ARG C 45 24.81 -30.19 9.00
N LEU C 46 24.03 -30.11 7.94
CA LEU C 46 22.57 -30.17 8.04
C LEU C 46 22.01 -31.43 7.41
N GLU C 47 22.86 -32.15 6.69
CA GLU C 47 22.44 -33.33 5.95
C GLU C 47 21.78 -34.36 6.85
N ARG C 48 22.33 -34.59 8.04
CA ARG C 48 21.77 -35.59 8.94
C ARG C 48 20.39 -35.17 9.47
N ASN C 49 20.26 -33.91 9.87
CA ASN C 49 18.97 -33.40 10.34
C ASN C 49 17.89 -33.58 9.29
N VAL C 50 18.20 -33.19 8.06
CA VAL C 50 17.19 -33.18 7.00
C VAL C 50 16.83 -34.60 6.60
N ARG C 51 17.83 -35.47 6.46
CA ARG C 51 17.58 -36.86 6.11
C ARG C 51 16.71 -37.56 7.16
N GLU C 52 17.00 -37.30 8.43
CA GLU C 52 16.24 -37.94 9.51
C GLU C 52 14.81 -37.42 9.59
N LEU C 53 14.62 -36.12 9.34
CA LEU C 53 13.28 -35.57 9.32
C LEU C 53 12.49 -36.10 8.12
N ALA C 54 13.12 -36.12 6.95
CA ALA C 54 12.50 -36.70 5.76
C ALA C 54 12.08 -38.15 6.00
N ASP C 55 12.89 -38.88 6.76
CA ASP C 55 12.64 -40.30 7.03
C ASP C 55 11.34 -40.53 7.80
N THR C 56 10.96 -39.57 8.65
CA THR C 56 9.74 -39.71 9.44
C THR C 56 8.47 -39.51 8.62
N LEU C 57 8.59 -39.40 7.31
CA LEU C 57 7.42 -39.25 6.47
C LEU C 57 7.04 -40.57 5.80
N GLU C 58 5.92 -41.13 6.24
CA GLU C 58 5.37 -42.36 5.68
C GLU C 58 5.19 -42.26 4.17
N GLY C 59 5.14 -43.40 3.50
CA GLY C 59 5.03 -43.42 2.06
C GLY C 59 6.42 -43.55 1.48
N GLN C 60 6.59 -43.23 0.20
CA GLN C 60 7.85 -43.53 -0.47
C GLN C 60 8.98 -42.67 0.06
N GLU C 61 10.19 -43.18 -0.14
CA GLU C 61 11.42 -42.52 0.27
C GLU C 61 11.54 -41.11 -0.28
N SER C 62 11.98 -40.16 0.55
CA SER C 62 12.19 -38.80 0.07
C SER C 62 13.63 -38.58 -0.36
N LEU C 63 13.77 -37.91 -1.50
CA LEU C 63 15.05 -37.47 -2.03
C LEU C 63 15.56 -36.26 -1.24
N VAL C 64 16.80 -36.35 -0.78
CA VAL C 64 17.42 -35.29 0.00
C VAL C 64 18.76 -34.89 -0.65
N LEU C 65 18.83 -33.66 -1.16
CA LEU C 65 19.94 -33.21 -2.02
C LEU C 65 20.66 -31.97 -1.50
N PRO C 66 21.98 -31.89 -1.74
CA PRO C 66 22.68 -30.66 -1.35
C PRO C 66 22.30 -29.50 -2.27
N CYS C 67 22.07 -28.32 -1.71
CA CYS C 67 21.77 -27.16 -2.53
C CYS C 67 22.06 -25.85 -1.81
N ASP C 68 23.26 -25.35 -2.03
CA ASP C 68 23.66 -24.03 -1.54
C ASP C 68 23.24 -22.97 -2.56
N VAL C 69 22.27 -22.14 -2.22
CA VAL C 69 21.71 -21.22 -3.22
C VAL C 69 22.64 -20.04 -3.51
N THR C 70 23.76 -19.92 -2.81
CA THR C 70 24.77 -18.95 -3.19
C THR C 70 25.68 -19.51 -4.29
N ASN C 71 25.53 -20.79 -4.61
CA ASN C 71 26.39 -21.45 -5.60
C ASN C 71 25.62 -21.92 -6.83
N ASP C 72 25.81 -21.21 -7.94
CA ASP C 72 25.14 -21.53 -9.20
C ASP C 72 25.40 -22.97 -9.68
N GLU C 73 26.64 -23.45 -9.55
CA GLU C 73 27.02 -24.79 -10.03
C GLU C 73 26.20 -25.82 -9.29
N GLU C 74 26.11 -25.66 -7.97
CA GLU C 74 25.40 -26.58 -7.11
C GLU C 74 23.87 -26.52 -7.33
N LEU C 75 23.36 -25.30 -7.52
CA LEU C 75 21.94 -25.09 -7.82
C LEU C 75 21.54 -25.78 -9.12
N THR C 76 22.35 -25.60 -10.15
CA THR C 76 22.13 -26.26 -11.43
C THR C 76 22.16 -27.78 -11.28
N ALA C 77 23.15 -28.27 -10.53
CA ALA C 77 23.34 -29.70 -10.37
C ALA C 77 22.18 -30.32 -9.59
N CYS C 78 21.72 -29.61 -8.54
CA CYS C 78 20.57 -30.04 -7.77
C CYS C 78 19.34 -30.23 -8.65
N PHE C 79 18.98 -29.23 -9.45
CA PHE C 79 17.75 -29.32 -10.24
C PHE C 79 17.90 -30.22 -11.48
N GLU C 80 19.14 -30.41 -11.92
CA GLU C 80 19.43 -31.41 -12.94
C GLU C 80 19.14 -32.82 -12.39
N THR C 81 19.57 -33.08 -11.17
CA THR C 81 19.28 -34.35 -10.53
C THR C 81 17.77 -34.55 -10.38
N ILE C 82 17.07 -33.50 -9.96
CA ILE C 82 15.62 -33.57 -9.79
C ILE C 82 14.92 -33.92 -11.10
N LYS C 83 15.27 -33.19 -12.15
CA LYS C 83 14.74 -33.44 -13.48
C LYS C 83 14.92 -34.89 -13.92
N GLN C 84 16.14 -35.40 -13.76
CA GLN C 84 16.44 -36.74 -14.25
C GLN C 84 15.81 -37.82 -13.39
N GLU C 85 15.75 -37.60 -12.09
CA GLU C 85 15.26 -38.64 -11.20
C GLU C 85 13.72 -38.63 -11.00
N VAL C 86 13.07 -37.46 -10.98
CA VAL C 86 11.60 -37.45 -10.82
C VAL C 86 10.86 -36.94 -12.07
N GLY C 87 11.51 -36.17 -12.92
CA GLY C 87 10.88 -35.80 -14.17
C GLY C 87 10.11 -34.48 -14.17
N THR C 88 9.06 -34.40 -13.36
CA THR C 88 8.22 -33.21 -13.28
C THR C 88 8.00 -32.85 -11.82
N ILE C 89 8.10 -31.58 -11.46
CA ILE C 89 7.66 -31.15 -10.13
C ILE C 89 6.59 -30.07 -10.29
N HIS C 90 5.88 -29.77 -9.21
CA HIS C 90 4.77 -28.84 -9.32
C HIS C 90 4.96 -27.60 -8.46
N GLY C 91 6.11 -27.50 -7.83
CA GLY C 91 6.48 -26.27 -7.15
C GLY C 91 7.62 -26.36 -6.17
N VAL C 92 7.96 -25.20 -5.61
CA VAL C 92 9.09 -25.06 -4.70
C VAL C 92 8.66 -24.20 -3.54
N ALA C 93 8.94 -24.65 -2.31
CA ALA C 93 8.79 -23.79 -1.15
C ALA C 93 10.19 -23.26 -0.79
N HIS C 94 10.37 -21.97 -1.02
CA HIS C 94 11.64 -21.28 -0.78
C HIS C 94 11.61 -20.66 0.62
N CYS C 95 12.26 -21.32 1.58
CA CYS C 95 12.27 -20.83 2.96
C CYS C 95 13.69 -20.56 3.43
N ILE C 96 14.33 -19.61 2.79
CA ILE C 96 15.75 -19.36 2.98
C ILE C 96 15.98 -17.88 3.26
N ALA C 97 16.71 -17.58 4.33
CA ALA C 97 17.07 -16.20 4.65
C ALA C 97 18.34 -16.20 5.50
N PHE C 98 19.07 -15.08 5.46
CA PHE C 98 20.23 -14.90 6.32
C PHE C 98 20.60 -13.42 6.37
N ALA C 99 21.04 -12.98 7.55
CA ALA C 99 21.69 -11.69 7.73
C ALA C 99 22.69 -11.82 8.88
N ASN C 100 23.79 -11.07 8.83
CA ASN C 100 24.79 -11.13 9.89
C ASN C 100 24.22 -10.61 11.21
N ARG C 101 24.51 -11.32 12.29
CA ARG C 101 24.04 -10.92 13.61
C ARG C 101 24.47 -9.51 14.00
N ASP C 102 25.71 -9.13 13.67
CA ASP C 102 26.20 -7.79 14.00
C ASP C 102 25.43 -6.70 13.25
N ASP C 103 24.99 -6.99 12.04
CA ASP C 103 24.19 -6.02 11.29
C ASP C 103 22.82 -5.85 11.91
N LEU C 104 22.20 -6.97 12.28
CA LEU C 104 20.88 -6.99 12.90
C LEU C 104 20.86 -6.29 14.27
N LYS C 105 22.00 -6.26 14.97
CA LYS C 105 22.01 -5.68 16.31
C LYS C 105 22.28 -4.17 16.32
N GLY C 106 23.04 -3.68 15.35
CA GLY C 106 23.27 -2.24 15.24
C GLY C 106 22.08 -1.52 14.65
N GLU C 107 22.20 -0.20 14.50
CA GLU C 107 21.24 0.60 13.74
C GLU C 107 21.37 0.29 12.26
N PHE C 108 20.28 0.46 11.51
CA PHE C 108 20.32 0.14 10.09
C PHE C 108 21.36 1.01 9.37
N VAL C 109 21.50 2.27 9.78
CA VAL C 109 22.45 3.15 9.12
C VAL C 109 23.89 2.62 9.23
N ASP C 110 24.17 1.77 10.21
CA ASP C 110 25.51 1.23 10.37
C ASP C 110 25.70 -0.15 9.75
N THR C 111 24.74 -0.59 8.94
CA THR C 111 24.84 -1.89 8.28
C THR C 111 26.12 -1.96 7.45
N SER C 112 26.87 -3.05 7.56
CA SER C 112 28.06 -3.23 6.74
C SER C 112 27.67 -3.47 5.28
N ARG C 113 28.52 -3.03 4.36
CA ARG C 113 28.22 -3.17 2.95
C ARG C 113 28.18 -4.67 2.59
N ASP C 114 29.17 -5.43 3.05
CA ASP C 114 29.23 -6.86 2.77
C ASP C 114 28.04 -7.58 3.39
N GLY C 115 27.66 -7.22 4.61
CA GLY C 115 26.48 -7.80 5.24
C GLY C 115 25.18 -7.52 4.49
N PHE C 116 25.04 -6.29 4.00
CA PHE C 116 23.86 -5.91 3.24
C PHE C 116 23.75 -6.77 1.98
N LEU C 117 24.85 -6.88 1.25
CA LEU C 117 24.86 -7.58 -0.02
C LEU C 117 24.66 -9.09 0.20
N LEU C 118 25.23 -9.60 1.29
CA LEU C 118 25.06 -11.02 1.60
C LEU C 118 23.59 -11.33 1.92
N ALA C 119 22.96 -10.46 2.71
CA ALA C 119 21.54 -10.61 3.05
C ALA C 119 20.67 -10.58 1.80
N GLN C 120 20.99 -9.67 0.88
CA GLN C 120 20.27 -9.56 -0.38
C GLN C 120 20.43 -10.81 -1.26
N ASN C 121 21.66 -11.32 -1.30
CA ASN C 121 22.01 -12.49 -2.10
C ASN C 121 21.23 -13.70 -1.64
N ILE C 122 21.35 -14.01 -0.36
CA ILE C 122 20.73 -15.20 0.20
C ILE C 122 19.21 -15.08 0.37
N SER C 123 18.75 -13.96 0.90
CA SER C 123 17.33 -13.81 1.28
C SER C 123 16.45 -13.35 0.13
N ALA C 124 17.04 -12.73 -0.89
CA ALA C 124 16.21 -12.22 -1.98
C ALA C 124 16.59 -12.75 -3.35
N PHE C 125 17.85 -12.60 -3.77
CA PHE C 125 18.20 -13.09 -5.11
C PHE C 125 18.00 -14.59 -5.24
N SER C 126 18.24 -15.34 -4.18
CA SER C 126 18.09 -16.79 -4.25
C SER C 126 16.70 -17.24 -4.74
N LEU C 127 15.64 -16.46 -4.49
CA LEU C 127 14.32 -16.83 -5.02
C LEU C 127 14.36 -16.89 -6.55
N THR C 128 14.97 -15.87 -7.15
CA THR C 128 15.11 -15.79 -8.58
C THR C 128 16.02 -16.90 -9.13
N ALA C 129 17.13 -17.17 -8.43
CA ALA C 129 18.04 -18.21 -8.88
C ALA C 129 17.33 -19.58 -8.88
N VAL C 130 16.61 -19.86 -7.78
CA VAL C 130 15.78 -21.05 -7.70
C VAL C 130 14.69 -21.07 -8.78
N ALA C 131 13.98 -19.95 -8.95
CA ALA C 131 12.91 -19.92 -9.95
C ALA C 131 13.44 -20.23 -11.35
N ARG C 132 14.64 -19.76 -11.65
CA ARG C 132 15.19 -19.98 -12.98
C ARG C 132 15.41 -21.48 -13.26
N GLU C 133 15.90 -22.21 -12.26
CA GLU C 133 16.06 -23.67 -12.39
C GLU C 133 14.74 -24.42 -12.32
N ALA C 134 13.85 -24.01 -11.43
CA ALA C 134 12.59 -24.70 -11.23
C ALA C 134 11.67 -24.63 -12.46
N LYS C 135 11.73 -23.54 -13.22
CA LYS C 135 10.82 -23.44 -14.35
C LYS C 135 11.13 -24.52 -15.41
N LYS C 136 12.35 -25.05 -15.38
CA LYS C 136 12.78 -26.10 -16.31
C LYS C 136 12.07 -27.41 -16.01
N VAL C 137 11.80 -27.67 -14.74
CA VAL C 137 11.19 -28.94 -14.35
C VAL C 137 9.70 -28.83 -13.99
N MET C 138 9.17 -27.61 -13.97
CA MET C 138 7.74 -27.42 -13.69
C MET C 138 6.98 -27.34 -15.00
N THR C 139 7.02 -28.43 -15.76
CA THR C 139 6.57 -28.43 -17.14
C THR C 139 5.05 -28.44 -17.27
N GLU C 140 4.35 -28.58 -16.16
CA GLU C 140 2.90 -28.43 -16.21
C GLU C 140 2.44 -27.32 -15.29
N GLY C 141 3.33 -26.36 -15.05
CA GLY C 141 2.99 -25.23 -14.22
C GLY C 141 2.96 -25.58 -12.75
N GLY C 142 2.49 -24.66 -11.94
CA GLY C 142 2.46 -24.86 -10.50
C GLY C 142 2.74 -23.55 -9.79
N ASN C 143 3.22 -23.64 -8.56
CA ASN C 143 3.41 -22.48 -7.71
C ASN C 143 4.79 -22.47 -7.06
N ILE C 144 5.42 -21.30 -7.05
CA ILE C 144 6.63 -21.09 -6.26
C ILE C 144 6.27 -20.20 -5.07
N LEU C 145 6.62 -20.65 -3.86
CA LEU C 145 6.27 -19.94 -2.65
C LEU C 145 7.51 -19.41 -1.94
N THR C 146 7.45 -18.20 -1.41
CA THR C 146 8.50 -17.76 -0.50
C THR C 146 7.89 -17.21 0.78
N LEU C 147 8.72 -17.06 1.82
CA LEU C 147 8.27 -16.56 3.11
C LEU C 147 8.83 -15.17 3.38
N THR C 148 7.98 -14.28 3.89
CA THR C 148 8.44 -12.93 4.20
C THR C 148 7.86 -12.50 5.54
N TYR C 149 8.03 -11.22 5.86
CA TYR C 149 7.64 -10.73 7.18
C TYR C 149 7.26 -9.27 7.05
N LEU C 150 6.46 -8.78 8.00
CA LEU C 150 5.95 -7.42 7.99
C LEU C 150 7.06 -6.37 7.87
N GLY C 151 8.23 -6.70 8.40
CA GLY C 151 9.39 -5.83 8.35
C GLY C 151 9.86 -5.51 6.95
N GLY C 152 9.38 -6.26 5.96
CA GLY C 152 9.72 -5.96 4.58
C GLY C 152 8.80 -4.88 4.02
N GLU C 153 7.73 -4.55 4.75
CA GLU C 153 6.75 -3.56 4.31
C GLU C 153 6.85 -2.30 5.14
N ARG C 154 7.05 -2.48 6.44
CA ARG C 154 7.08 -1.38 7.39
C ARG C 154 8.19 -1.62 8.40
N VAL C 155 8.58 -0.54 9.09
CA VAL C 155 9.71 -0.60 9.99
C VAL C 155 9.38 -1.38 11.26
N VAL C 156 10.10 -2.49 11.46
CA VAL C 156 9.97 -3.31 12.65
C VAL C 156 11.29 -3.28 13.39
N LYS C 157 11.25 -3.07 14.70
CA LYS C 157 12.47 -2.88 15.46
C LYS C 157 13.38 -4.11 15.39
N ASN C 158 14.69 -3.86 15.27
CA ASN C 158 15.75 -4.89 15.20
C ASN C 158 15.71 -5.76 13.95
N TYR C 159 14.87 -5.43 12.97
CA TYR C 159 14.78 -6.26 11.79
C TYR C 159 15.69 -5.69 10.69
N ASN C 160 15.81 -4.37 10.64
CA ASN C 160 16.84 -3.64 9.89
C ASN C 160 17.23 -4.20 8.49
N VAL C 161 18.45 -4.73 8.38
CA VAL C 161 18.94 -5.18 7.08
C VAL C 161 18.06 -6.30 6.51
N MET C 162 17.46 -7.12 7.37
CA MET C 162 16.57 -8.17 6.85
C MET C 162 15.27 -7.56 6.31
N GLY C 163 14.85 -6.44 6.89
CA GLY C 163 13.68 -5.73 6.39
C GLY C 163 13.88 -5.30 4.96
N VAL C 164 15.04 -4.73 4.68
CA VAL C 164 15.32 -4.27 3.33
C VAL C 164 15.49 -5.48 2.42
N ALA C 165 16.07 -6.58 2.90
CA ALA C 165 16.17 -7.77 2.06
C ALA C 165 14.77 -8.35 1.76
N LYS C 166 13.86 -8.32 2.73
CA LYS C 166 12.51 -8.82 2.48
C LYS C 166 11.76 -7.92 1.51
N ALA C 167 12.07 -6.62 1.50
CA ALA C 167 11.47 -5.74 0.50
C ALA C 167 11.89 -6.15 -0.92
N SER C 168 13.19 -6.46 -1.11
CA SER C 168 13.66 -6.96 -2.40
C SER C 168 12.96 -8.25 -2.75
N LEU C 169 12.85 -9.12 -1.76
CA LEU C 169 12.19 -10.40 -1.95
C LEU C 169 10.75 -10.20 -2.43
N GLU C 170 10.00 -9.33 -1.77
CA GLU C 170 8.59 -9.13 -2.13
C GLU C 170 8.44 -8.51 -3.50
N ALA C 171 9.33 -7.58 -3.86
CA ALA C 171 9.34 -7.04 -5.22
C ALA C 171 9.70 -8.13 -6.24
N SER C 172 10.62 -9.01 -5.86
CA SER C 172 11.02 -10.13 -6.74
C SER C 172 9.83 -11.05 -7.01
N VAL C 173 9.02 -11.32 -5.98
CA VAL C 173 7.80 -12.11 -6.15
C VAL C 173 6.92 -11.54 -7.28
N LYS C 174 6.74 -10.23 -7.29
CA LYS C 174 5.91 -9.59 -8.28
C LYS C 174 6.54 -9.69 -9.67
N TYR C 175 7.84 -9.39 -9.78
CA TYR C 175 8.47 -9.43 -11.09
C TYR C 175 8.56 -10.87 -11.64
N LEU C 176 8.77 -11.84 -10.76
CA LEU C 176 8.79 -13.25 -11.15
C LEU C 176 7.39 -13.71 -11.58
N ALA C 177 6.36 -13.31 -10.83
CA ALA C 177 4.99 -13.65 -11.20
C ALA C 177 4.66 -13.13 -12.60
N ASN C 178 5.11 -11.91 -12.89
CA ASN C 178 4.86 -11.32 -14.21
C ASN C 178 5.59 -12.09 -15.33
N ASP C 179 6.80 -12.58 -15.04
CA ASP C 179 7.57 -13.35 -16.03
C ASP C 179 7.00 -14.75 -16.27
N LEU C 180 6.72 -15.47 -15.17
CA LEU C 180 6.46 -16.89 -15.24
C LEU C 180 5.01 -17.28 -15.44
N GLY C 181 4.10 -16.32 -15.30
CA GLY C 181 2.68 -16.60 -15.41
C GLY C 181 2.29 -17.18 -16.77
N GLN C 182 2.92 -16.69 -17.83
CA GLN C 182 2.63 -17.18 -19.18
C GLN C 182 3.04 -18.64 -19.37
N HIS C 183 3.92 -19.13 -18.49
CA HIS C 183 4.32 -20.53 -18.49
C HIS C 183 3.51 -21.35 -17.48
N GLY C 184 2.47 -20.74 -16.93
CA GLY C 184 1.61 -21.45 -16.01
C GLY C 184 2.18 -21.56 -14.60
N ILE C 185 3.19 -20.75 -14.29
CA ILE C 185 3.81 -20.77 -12.96
C ILE C 185 3.41 -19.55 -12.15
N ARG C 186 2.84 -19.80 -10.99
CA ARG C 186 2.40 -18.76 -10.09
C ARG C 186 3.51 -18.54 -9.08
N VAL C 187 3.61 -17.33 -8.55
CA VAL C 187 4.64 -16.97 -7.57
C VAL C 187 3.99 -16.14 -6.49
N ASN C 188 4.07 -16.61 -5.26
CA ASN C 188 3.37 -15.98 -4.15
C ASN C 188 4.25 -15.98 -2.91
N ALA C 189 3.87 -15.16 -1.93
CA ALA C 189 4.51 -15.15 -0.64
C ALA C 189 3.51 -15.36 0.47
N ILE C 190 3.99 -15.93 1.57
CA ILE C 190 3.28 -15.87 2.83
C ILE C 190 4.07 -14.97 3.76
N SER C 191 3.41 -13.97 4.35
CA SER C 191 4.04 -13.11 5.37
C SER C 191 3.64 -13.62 6.74
N ALA C 192 4.55 -14.34 7.40
CA ALA C 192 4.23 -14.99 8.66
C ALA C 192 4.42 -14.03 9.82
N GLY C 193 3.54 -14.10 10.82
CA GLY C 193 3.80 -13.39 12.07
C GLY C 193 4.84 -14.16 12.88
N PRO C 194 5.40 -13.53 13.91
CA PRO C 194 6.33 -14.21 14.81
C PRO C 194 5.74 -15.51 15.39
N ILE C 195 6.59 -16.52 15.52
CA ILE C 195 6.19 -17.83 16.02
C ILE C 195 7.01 -18.22 17.27
N ARG C 196 6.33 -18.67 18.32
CA ARG C 196 6.94 -18.97 19.63
C ARG C 196 8.14 -19.91 19.51
N THR C 197 7.88 -21.12 19.04
CA THR C 197 8.92 -22.13 18.83
C THR C 197 9.88 -21.76 17.70
N GLY C 204 16.75 -9.26 19.80
CA GLY C 204 16.73 -8.97 21.23
C GLY C 204 15.69 -9.75 22.01
N ASP C 205 14.90 -9.04 22.83
CA ASP C 205 13.86 -9.65 23.66
C ASP C 205 12.64 -10.10 22.85
N PHE C 206 12.57 -11.40 22.61
CA PHE C 206 11.63 -11.97 21.67
C PHE C 206 10.27 -12.28 22.30
N ASN C 207 10.26 -12.65 23.57
CA ASN C 207 9.02 -13.01 24.26
C ASN C 207 8.09 -11.81 24.52
N SER C 208 8.65 -10.60 24.58
CA SER C 208 7.78 -9.44 24.76
C SER C 208 7.11 -9.10 23.43
N ILE C 209 7.83 -9.32 22.32
CA ILE C 209 7.23 -9.24 21.00
C ILE C 209 6.02 -10.17 20.92
N LEU C 210 6.21 -11.41 21.34
CA LEU C 210 5.13 -12.40 21.37
C LEU C 210 3.95 -11.95 22.21
N ARG C 211 4.21 -11.31 23.35
CA ARG C 211 3.14 -10.89 24.26
C ARG C 211 2.36 -9.71 23.68
N GLU C 212 3.05 -8.82 22.98
CA GLU C 212 2.41 -7.67 22.33
C GLU C 212 1.46 -8.13 21.21
N ILE C 213 1.86 -9.18 20.49
CA ILE C 213 1.00 -9.77 19.49
C ILE C 213 -0.23 -10.40 20.12
N GLU C 214 -0.02 -11.19 21.18
CA GLU C 214 -1.13 -11.82 21.91
C GLU C 214 -2.11 -10.78 22.44
N GLU C 215 -1.59 -9.63 22.87
CA GLU C 215 -2.45 -8.56 23.37
C GLU C 215 -3.15 -7.79 22.25
N ARG C 216 -2.45 -7.52 21.16
CA ARG C 216 -2.95 -6.56 20.18
C ARG C 216 -3.41 -7.14 18.84
N ALA C 217 -2.92 -8.31 18.46
CA ALA C 217 -3.39 -8.91 17.20
C ALA C 217 -4.88 -9.19 17.28
N PRO C 218 -5.61 -8.92 16.19
CA PRO C 218 -7.05 -9.22 16.14
C PRO C 218 -7.41 -10.60 16.68
N LEU C 219 -6.63 -11.62 16.36
CA LEU C 219 -6.94 -12.99 16.78
C LEU C 219 -6.40 -13.29 18.18
N ARG C 220 -5.68 -12.32 18.76
CA ARG C 220 -5.21 -12.41 20.15
C ARG C 220 -4.35 -13.65 20.46
N ARG C 221 -3.52 -14.05 19.49
CA ARG C 221 -2.63 -15.20 19.63
C ARG C 221 -1.52 -15.09 18.60
N THR C 222 -0.43 -15.81 18.83
CA THR C 222 0.68 -15.78 17.90
C THR C 222 0.46 -16.84 16.82
N THR C 223 1.27 -16.78 15.78
CA THR C 223 1.15 -17.64 14.61
C THR C 223 1.78 -19.01 14.87
N THR C 224 1.26 -20.07 14.25
CA THR C 224 1.95 -21.35 14.35
C THR C 224 2.48 -21.79 12.99
N GLN C 225 3.42 -22.72 13.01
CA GLN C 225 4.00 -23.26 11.79
C GLN C 225 2.92 -23.93 10.98
N GLU C 226 2.01 -24.57 11.69
CA GLU C 226 0.93 -25.31 11.05
C GLU C 226 -0.03 -24.39 10.27
N GLU C 227 -0.30 -23.18 10.78
CA GLU C 227 -1.12 -22.19 10.07
C GLU C 227 -0.46 -21.72 8.77
N VAL C 228 0.85 -21.54 8.83
CA VAL C 228 1.63 -21.17 7.66
C VAL C 228 1.59 -22.34 6.69
N GLY C 229 1.86 -23.54 7.20
CA GLY C 229 1.80 -24.74 6.39
C GLY C 229 0.47 -24.91 5.66
N ASP C 230 -0.63 -24.64 6.36
CA ASP C 230 -1.94 -24.85 5.73
C ASP C 230 -2.28 -23.79 4.69
N THR C 231 -1.76 -22.58 4.86
CA THR C 231 -1.89 -21.56 3.82
C THR C 231 -0.99 -21.94 2.62
N ALA C 232 0.17 -22.53 2.88
CA ALA C 232 1.02 -23.04 1.78
C ALA C 232 0.28 -24.10 0.97
N VAL C 233 -0.43 -25.00 1.65
CA VAL C 233 -1.22 -26.02 0.96
C VAL C 233 -2.19 -25.35 -0.01
N PHE C 234 -2.89 -24.33 0.45
CA PHE C 234 -3.79 -23.64 -0.45
C PHE C 234 -3.05 -23.07 -1.66
N LEU C 235 -1.94 -22.37 -1.42
CA LEU C 235 -1.25 -21.71 -2.53
C LEU C 235 -0.64 -22.72 -3.51
N PHE C 236 -0.24 -23.89 -3.04
CA PHE C 236 0.30 -24.91 -3.95
C PHE C 236 -0.80 -25.70 -4.69
N SER C 237 -2.04 -25.62 -4.19
CA SER C 237 -3.15 -26.40 -4.76
C SER C 237 -3.79 -25.70 -5.96
N ASP C 238 -4.66 -26.42 -6.67
CA ASP C 238 -5.37 -25.82 -7.79
C ASP C 238 -6.48 -24.86 -7.33
N LEU C 239 -6.76 -24.81 -6.03
CA LEU C 239 -7.71 -23.83 -5.50
C LEU C 239 -7.20 -22.39 -5.70
N ALA C 240 -5.88 -22.23 -5.71
CA ALA C 240 -5.26 -20.91 -5.83
C ALA C 240 -4.86 -20.57 -7.27
N ARG C 241 -5.45 -21.27 -8.24
CA ARG C 241 -4.98 -21.14 -9.61
C ARG C 241 -5.18 -19.74 -10.17
N GLY C 242 -6.03 -18.94 -9.51
CA GLY C 242 -6.24 -17.57 -9.95
C GLY C 242 -5.35 -16.57 -9.21
N VAL C 243 -4.53 -17.07 -8.29
CA VAL C 243 -3.78 -16.21 -7.38
C VAL C 243 -2.28 -16.18 -7.70
N THR C 244 -1.76 -15.04 -8.15
CA THR C 244 -0.32 -14.94 -8.34
C THR C 244 0.15 -13.52 -8.04
N GLY C 245 1.41 -13.40 -7.63
CA GLY C 245 1.95 -12.12 -7.22
C GLY C 245 1.37 -11.63 -5.89
N GLU C 246 0.81 -12.54 -5.11
CA GLU C 246 0.13 -12.15 -3.86
C GLU C 246 1.02 -12.40 -2.64
N ASN C 247 0.75 -11.66 -1.57
CA ASN C 247 1.43 -11.79 -0.30
C ASN C 247 0.35 -11.97 0.76
N ILE C 248 0.16 -13.20 1.23
CA ILE C 248 -0.89 -13.48 2.21
C ILE C 248 -0.31 -13.45 3.62
N HIS C 249 -0.90 -12.61 4.47
CA HIS C 249 -0.45 -12.50 5.84
C HIS C 249 -1.08 -13.58 6.68
N VAL C 250 -0.23 -14.40 7.27
CA VAL C 250 -0.66 -15.39 8.24
C VAL C 250 -0.04 -14.94 9.55
N ASP C 251 -0.69 -13.97 10.18
CA ASP C 251 -0.09 -13.22 11.28
C ASP C 251 -1.12 -12.83 12.32
N SER C 252 -2.22 -13.58 12.39
CA SER C 252 -3.33 -13.28 13.31
C SER C 252 -3.92 -11.88 13.08
N GLY C 253 -3.74 -11.36 11.87
CA GLY C 253 -4.29 -10.07 11.48
C GLY C 253 -3.47 -8.87 11.92
N TYR C 254 -2.29 -9.10 12.48
CA TYR C 254 -1.50 -8.01 13.05
C TYR C 254 -1.20 -6.93 12.00
N HIS C 255 -1.00 -7.33 10.74
CA HIS C 255 -0.67 -6.40 9.66
C HIS C 255 -1.70 -5.26 9.43
N ILE C 256 -2.94 -5.40 9.91
CA ILE C 256 -3.90 -4.32 9.69
C ILE C 256 -3.75 -3.15 10.68
N LEU C 257 -3.00 -3.35 11.75
CA LEU C 257 -2.93 -2.36 12.82
C LEU C 257 -2.06 -1.15 12.46
N GLY C 258 -2.49 0.03 12.90
CA GLY C 258 -1.71 1.24 12.73
C GLY C 258 -1.04 1.58 14.04
N MET D 3 -12.94 -31.94 -1.11
CA MET D 3 -14.29 -32.45 -1.30
C MET D 3 -15.01 -32.52 0.04
N GLU D 4 -14.34 -32.04 1.08
CA GLU D 4 -14.78 -32.30 2.44
C GLU D 4 -14.13 -31.30 3.43
N LEU D 5 -13.42 -30.31 2.89
CA LEU D 5 -12.85 -29.22 3.69
C LEU D 5 -13.90 -28.50 4.55
N LEU D 6 -15.11 -28.37 4.03
CA LEU D 6 -16.17 -27.67 4.76
C LEU D 6 -17.24 -28.62 5.30
N GLN D 7 -16.90 -29.90 5.41
CA GLN D 7 -17.83 -30.90 5.93
C GLN D 7 -18.33 -30.53 7.32
N GLY D 8 -19.63 -30.59 7.53
CA GLY D 8 -20.20 -30.29 8.83
C GLY D 8 -20.34 -28.81 9.13
N LYS D 9 -20.13 -27.95 8.14
CA LYS D 9 -20.25 -26.50 8.40
C LYS D 9 -21.37 -25.87 7.58
N THR D 10 -21.97 -24.83 8.16
CA THR D 10 -23.08 -24.14 7.52
C THR D 10 -22.75 -22.66 7.26
N PHE D 11 -23.04 -22.19 6.05
CA PHE D 11 -22.76 -20.79 5.69
C PHE D 11 -23.97 -20.10 5.09
N VAL D 12 -24.07 -18.80 5.34
CA VAL D 12 -25.09 -17.98 4.70
C VAL D 12 -24.50 -17.32 3.46
N VAL D 13 -25.15 -17.52 2.31
CA VAL D 13 -24.73 -16.88 1.07
C VAL D 13 -25.70 -15.74 0.72
N MET D 14 -25.16 -14.53 0.62
CA MET D 14 -25.98 -13.36 0.34
C MET D 14 -25.61 -12.78 -1.01
N GLY D 15 -26.61 -12.34 -1.75
CA GLY D 15 -26.37 -11.67 -3.00
C GLY D 15 -26.56 -12.55 -4.23
N VAL D 16 -27.16 -13.72 -4.08
CA VAL D 16 -27.53 -14.47 -5.27
C VAL D 16 -28.73 -13.76 -5.94
N ALA D 17 -28.60 -13.49 -7.23
CA ALA D 17 -29.74 -12.99 -8.03
C ALA D 17 -30.02 -13.95 -9.18
N ASN D 18 -28.97 -14.58 -9.71
CA ASN D 18 -29.09 -15.64 -10.71
C ASN D 18 -27.77 -16.42 -10.84
N GLN D 19 -27.65 -17.27 -11.87
CA GLN D 19 -26.51 -18.19 -11.98
C GLN D 19 -25.24 -17.48 -12.41
N ARG D 20 -25.37 -16.22 -12.78
CA ARG D 20 -24.19 -15.46 -13.17
C ARG D 20 -23.70 -14.60 -12.00
N SER D 21 -24.51 -14.51 -10.96
CA SER D 21 -24.09 -13.90 -9.70
C SER D 21 -22.83 -14.59 -9.23
N ILE D 22 -21.82 -13.82 -8.85
CA ILE D 22 -20.61 -14.41 -8.31
C ILE D 22 -20.94 -15.18 -7.01
N ALA D 23 -21.99 -14.75 -6.31
CA ALA D 23 -22.42 -15.44 -5.10
C ALA D 23 -22.84 -16.87 -5.43
N TRP D 24 -23.37 -17.08 -6.62
CA TRP D 24 -23.75 -18.43 -7.03
C TRP D 24 -22.52 -19.28 -7.32
N GLY D 25 -21.53 -18.69 -7.99
CA GLY D 25 -20.25 -19.36 -8.17
C GLY D 25 -19.62 -19.76 -6.84
N ILE D 26 -19.75 -18.88 -5.84
CA ILE D 26 -19.21 -19.19 -4.53
C ILE D 26 -20.01 -20.32 -3.88
N ALA D 27 -21.34 -20.26 -3.99
CA ALA D 27 -22.20 -21.28 -3.41
C ALA D 27 -21.89 -22.67 -3.98
N ARG D 28 -21.68 -22.77 -5.29
CA ARG D 28 -21.32 -24.05 -5.89
C ARG D 28 -20.01 -24.59 -5.31
N SER D 29 -18.99 -23.75 -5.22
CA SER D 29 -17.71 -24.19 -4.68
C SER D 29 -17.88 -24.65 -3.23
N LEU D 30 -18.65 -23.90 -2.45
CA LEU D 30 -18.83 -24.24 -1.04
C LEU D 30 -19.54 -25.58 -0.93
N HIS D 31 -20.58 -25.75 -1.75
CA HIS D 31 -21.34 -27.00 -1.79
C HIS D 31 -20.45 -28.17 -2.15
N ASN D 32 -19.64 -28.01 -3.19
CA ASN D 32 -18.70 -29.04 -3.60
C ASN D 32 -17.67 -29.34 -2.51
N ALA D 33 -17.45 -28.42 -1.59
CA ALA D 33 -16.49 -28.67 -0.53
C ALA D 33 -17.18 -29.22 0.70
N GLY D 34 -18.46 -29.55 0.56
CA GLY D 34 -19.19 -30.25 1.60
C GLY D 34 -20.02 -29.41 2.54
N ALA D 35 -20.18 -28.12 2.23
CA ALA D 35 -20.90 -27.24 3.15
C ALA D 35 -22.42 -27.27 2.96
N LYS D 36 -23.13 -27.05 4.05
CA LYS D 36 -24.56 -26.78 3.98
C LYS D 36 -24.75 -25.28 3.83
N LEU D 37 -25.69 -24.87 2.99
CA LEU D 37 -25.87 -23.45 2.69
C LEU D 37 -27.26 -22.93 3.00
N ILE D 38 -27.29 -21.72 3.57
CA ILE D 38 -28.50 -20.93 3.75
C ILE D 38 -28.44 -19.74 2.78
N PHE D 39 -29.53 -19.46 2.07
CA PHE D 39 -29.52 -18.36 1.10
C PHE D 39 -30.44 -17.22 1.51
N THR D 40 -30.09 -16.00 1.10
CA THR D 40 -30.98 -14.86 1.31
C THR D 40 -31.36 -14.24 -0.03
N TYR D 41 -32.48 -13.52 -0.08
CA TYR D 41 -32.84 -12.83 -1.31
C TYR D 41 -33.24 -11.39 -1.00
N ALA D 42 -32.86 -10.49 -1.91
CA ALA D 42 -33.04 -9.05 -1.72
C ALA D 42 -34.51 -8.68 -1.69
N GLY D 43 -35.22 -8.92 -2.79
CA GLY D 43 -36.65 -8.65 -2.82
C GLY D 43 -37.45 -9.80 -3.42
N GLU D 44 -38.77 -9.65 -3.41
CA GLU D 44 -39.66 -10.69 -3.91
C GLU D 44 -39.38 -11.03 -5.37
N ARG D 45 -38.91 -10.05 -6.12
CA ARG D 45 -38.56 -10.23 -7.52
C ARG D 45 -37.46 -11.26 -7.72
N LEU D 46 -36.74 -11.58 -6.66
CA LEU D 46 -35.59 -12.49 -6.75
C LEU D 46 -35.85 -13.80 -6.03
N GLU D 47 -36.93 -13.84 -5.27
CA GLU D 47 -37.24 -15.00 -4.44
C GLU D 47 -37.33 -16.31 -5.22
N ARG D 48 -38.01 -16.28 -6.37
CA ARG D 48 -38.14 -17.49 -7.17
C ARG D 48 -36.80 -17.99 -7.67
N ASN D 49 -35.97 -17.07 -8.15
CA ASN D 49 -34.66 -17.43 -8.64
C ASN D 49 -33.82 -18.10 -7.56
N VAL D 50 -33.80 -17.49 -6.39
CA VAL D 50 -32.95 -17.97 -5.31
C VAL D 50 -33.45 -19.31 -4.77
N ARG D 51 -34.76 -19.42 -4.55
CA ARG D 51 -35.37 -20.69 -4.18
C ARG D 51 -35.03 -21.81 -5.15
N GLU D 52 -35.20 -21.56 -6.44
CA GLU D 52 -34.93 -22.60 -7.43
C GLU D 52 -33.47 -22.98 -7.44
N LEU D 53 -32.58 -21.99 -7.43
CA LEU D 53 -31.16 -22.28 -7.43
C LEU D 53 -30.79 -23.05 -6.17
N ALA D 54 -31.32 -22.62 -5.04
CA ALA D 54 -31.03 -23.26 -3.77
C ALA D 54 -31.48 -24.72 -3.78
N ASP D 55 -32.67 -24.96 -4.30
CA ASP D 55 -33.21 -26.31 -4.34
C ASP D 55 -32.34 -27.25 -5.21
N THR D 56 -31.67 -26.72 -6.23
CA THR D 56 -30.79 -27.58 -7.04
C THR D 56 -29.51 -28.00 -6.32
N LEU D 57 -29.16 -27.30 -5.24
CA LEU D 57 -27.97 -27.63 -4.45
C LEU D 57 -28.29 -28.41 -3.18
N GLU D 58 -29.25 -27.91 -2.43
CA GLU D 58 -29.50 -28.38 -1.08
C GLU D 58 -30.66 -29.35 -0.96
N GLY D 59 -31.82 -28.96 -1.49
CA GLY D 59 -33.04 -29.66 -1.16
C GLY D 59 -34.20 -28.72 -1.33
N GLN D 60 -35.39 -29.27 -1.50
CA GLN D 60 -36.62 -28.52 -1.32
C GLN D 60 -36.70 -27.97 0.11
N GLU D 61 -35.95 -28.59 1.01
CA GLU D 61 -35.97 -28.21 2.42
C GLU D 61 -34.96 -27.11 2.75
N SER D 62 -34.23 -26.64 1.75
CA SER D 62 -33.20 -25.63 1.98
C SER D 62 -33.81 -24.36 2.56
N LEU D 63 -33.04 -23.70 3.41
CA LEU D 63 -33.50 -22.48 4.06
C LEU D 63 -33.19 -21.25 3.19
N VAL D 64 -34.25 -20.63 2.68
CA VAL D 64 -34.13 -19.45 1.83
C VAL D 64 -34.97 -18.32 2.44
N LEU D 65 -34.30 -17.21 2.78
CA LEU D 65 -34.90 -16.17 3.63
C LEU D 65 -34.82 -14.78 3.02
N PRO D 66 -35.84 -13.94 3.26
CA PRO D 66 -35.75 -12.56 2.77
C PRO D 66 -34.79 -11.74 3.62
N CYS D 67 -33.95 -10.93 2.99
CA CYS D 67 -32.97 -10.15 3.73
C CYS D 67 -32.49 -8.92 2.96
N ASP D 68 -33.31 -7.89 2.95
CA ASP D 68 -32.95 -6.58 2.43
C ASP D 68 -31.99 -5.92 3.44
N VAL D 69 -30.72 -5.79 3.07
CA VAL D 69 -29.74 -5.28 4.04
C VAL D 69 -29.89 -3.78 4.32
N THR D 70 -30.74 -3.08 3.56
CA THR D 70 -31.10 -1.71 3.91
C THR D 70 -32.22 -1.68 4.96
N ASN D 71 -32.79 -2.83 5.28
CA ASN D 71 -33.94 -2.94 6.19
C ASN D 71 -33.54 -3.56 7.49
N ASP D 72 -33.38 -2.75 8.54
CA ASP D 72 -32.81 -3.27 9.77
C ASP D 72 -33.70 -4.28 10.48
N GLU D 73 -35.01 -4.16 10.33
CA GLU D 73 -35.83 -5.13 11.02
C GLU D 73 -35.87 -6.45 10.27
N GLU D 74 -35.91 -6.39 8.94
CA GLU D 74 -35.86 -7.61 8.15
C GLU D 74 -34.51 -8.31 8.28
N LEU D 75 -33.44 -7.52 8.41
CA LEU D 75 -32.10 -8.08 8.56
C LEU D 75 -31.99 -8.81 9.90
N THR D 76 -32.49 -8.18 10.94
CA THR D 76 -32.50 -8.77 12.26
C THR D 76 -33.38 -10.03 12.30
N ALA D 77 -34.53 -9.98 11.63
CA ALA D 77 -35.47 -11.10 11.64
C ALA D 77 -34.86 -12.30 10.93
N CYS D 78 -34.10 -12.04 9.87
CA CYS D 78 -33.44 -13.08 9.09
C CYS D 78 -32.53 -13.92 9.97
N PHE D 79 -31.65 -13.27 10.71
CA PHE D 79 -30.68 -14.01 11.51
C PHE D 79 -31.30 -14.55 12.78
N GLU D 80 -32.43 -14.00 13.17
CA GLU D 80 -33.22 -14.60 14.25
C GLU D 80 -33.82 -15.94 13.78
N THR D 81 -34.40 -15.94 12.58
CA THR D 81 -34.88 -17.18 11.97
C THR D 81 -33.74 -18.20 11.87
N ILE D 82 -32.56 -17.76 11.44
CA ILE D 82 -31.42 -18.66 11.31
C ILE D 82 -31.05 -19.25 12.67
N LYS D 83 -31.05 -18.42 13.71
CA LYS D 83 -30.77 -18.91 15.05
C LYS D 83 -31.77 -20.01 15.49
N GLN D 84 -33.05 -19.80 15.19
CA GLN D 84 -34.09 -20.74 15.61
C GLN D 84 -34.06 -22.04 14.82
N GLU D 85 -33.72 -21.96 13.53
CA GLU D 85 -33.78 -23.12 12.65
C GLU D 85 -32.52 -23.99 12.67
N VAL D 86 -31.34 -23.38 12.72
CA VAL D 86 -30.10 -24.16 12.68
C VAL D 86 -29.19 -23.90 13.87
N GLY D 87 -29.44 -22.82 14.59
CA GLY D 87 -28.68 -22.54 15.80
C GLY D 87 -27.33 -21.88 15.59
N THR D 88 -26.43 -22.58 14.91
CA THR D 88 -25.07 -22.11 14.73
C THR D 88 -24.69 -22.12 13.25
N ILE D 89 -24.06 -21.05 12.78
CA ILE D 89 -23.47 -21.04 11.44
C ILE D 89 -21.96 -20.80 11.54
N HIS D 90 -21.23 -21.08 10.47
CA HIS D 90 -19.78 -20.97 10.53
C HIS D 90 -19.23 -19.88 9.63
N GLY D 91 -20.13 -19.10 9.04
CA GLY D 91 -19.70 -17.97 8.24
C GLY D 91 -20.74 -17.43 7.30
N VAL D 92 -20.40 -16.30 6.69
CA VAL D 92 -21.26 -15.57 5.79
C VAL D 92 -20.46 -15.12 4.58
N ALA D 93 -21.02 -15.34 3.40
CA ALA D 93 -20.50 -14.81 2.17
C ALA D 93 -21.31 -13.57 1.77
N HIS D 94 -20.75 -12.39 2.01
CA HIS D 94 -21.37 -11.11 1.67
C HIS D 94 -21.04 -10.68 0.23
N CYS D 95 -21.98 -10.87 -0.68
CA CYS D 95 -21.76 -10.55 -2.09
C CYS D 95 -22.77 -9.53 -2.59
N ILE D 96 -22.80 -8.38 -1.96
CA ILE D 96 -23.84 -7.38 -2.18
C ILE D 96 -23.22 -6.04 -2.54
N ALA D 97 -23.63 -5.49 -3.66
CA ALA D 97 -23.18 -4.16 -4.08
C ALA D 97 -24.20 -3.52 -4.99
N PHE D 98 -24.32 -2.20 -4.90
CA PHE D 98 -25.18 -1.45 -5.81
C PHE D 98 -24.77 0.00 -5.90
N ALA D 99 -24.87 0.53 -7.11
CA ALA D 99 -24.76 1.95 -7.40
C ALA D 99 -25.68 2.28 -8.57
N ASN D 100 -26.20 3.50 -8.62
CA ASN D 100 -27.04 3.94 -9.74
C ASN D 100 -26.24 3.99 -11.03
N ARG D 101 -26.83 3.49 -12.12
CA ARG D 101 -26.17 3.54 -13.41
C ARG D 101 -25.75 4.97 -13.78
N ASP D 102 -26.61 5.94 -13.44
CA ASP D 102 -26.35 7.36 -13.74
C ASP D 102 -25.06 7.86 -13.12
N ASP D 103 -24.78 7.43 -11.90
CA ASP D 103 -23.54 7.81 -11.23
C ASP D 103 -22.35 7.12 -11.84
N LEU D 104 -22.53 5.88 -12.29
CA LEU D 104 -21.42 5.14 -12.88
C LEU D 104 -21.11 5.61 -14.31
N LYS D 105 -22.06 6.25 -14.97
CA LYS D 105 -21.84 6.72 -16.35
C LYS D 105 -21.14 8.08 -16.39
N GLY D 106 -21.54 8.98 -15.49
CA GLY D 106 -20.95 10.31 -15.45
C GLY D 106 -19.54 10.28 -14.88
N GLU D 107 -18.92 11.45 -14.79
CA GLU D 107 -17.66 11.61 -14.07
C GLU D 107 -17.89 11.52 -12.56
N PHE D 108 -16.86 11.10 -11.82
CA PHE D 108 -17.04 10.92 -10.40
C PHE D 108 -17.41 12.23 -9.70
N VAL D 109 -16.85 13.35 -10.16
CA VAL D 109 -17.14 14.63 -9.52
C VAL D 109 -18.65 15.00 -9.63
N ASP D 110 -19.35 14.43 -10.61
CA ASP D 110 -20.78 14.69 -10.75
C ASP D 110 -21.67 13.66 -10.06
N THR D 111 -21.09 12.82 -9.21
CA THR D 111 -21.87 11.83 -8.45
C THR D 111 -22.94 12.51 -7.59
N SER D 112 -24.17 12.01 -7.61
CA SER D 112 -25.21 12.60 -6.79
C SER D 112 -25.00 12.22 -5.32
N ARG D 113 -25.37 13.12 -4.42
CA ARG D 113 -25.30 12.84 -2.99
C ARG D 113 -26.13 11.60 -2.63
N ASP D 114 -27.35 11.52 -3.14
CA ASP D 114 -28.21 10.38 -2.82
C ASP D 114 -27.58 9.10 -3.38
N GLY D 115 -27.07 9.16 -4.61
CA GLY D 115 -26.39 8.03 -5.22
C GLY D 115 -25.18 7.55 -4.43
N PHE D 116 -24.40 8.50 -3.91
CA PHE D 116 -23.23 8.18 -3.11
C PHE D 116 -23.63 7.48 -1.82
N LEU D 117 -24.61 8.01 -1.10
CA LEU D 117 -25.00 7.43 0.18
C LEU D 117 -25.67 6.08 0.00
N LEU D 118 -26.43 5.94 -1.09
CA LEU D 118 -27.05 4.68 -1.47
C LEU D 118 -25.98 3.61 -1.73
N ALA D 119 -24.97 3.96 -2.53
CA ALA D 119 -23.88 3.05 -2.82
C ALA D 119 -23.13 2.67 -1.54
N GLN D 120 -22.90 3.65 -0.66
CA GLN D 120 -22.27 3.37 0.64
C GLN D 120 -23.12 2.47 1.53
N ASN D 121 -24.42 2.76 1.62
CA ASN D 121 -25.34 1.99 2.47
C ASN D 121 -25.39 0.52 2.07
N ILE D 122 -25.62 0.27 0.79
CA ILE D 122 -25.78 -1.09 0.30
C ILE D 122 -24.46 -1.85 0.15
N SER D 123 -23.41 -1.18 -0.35
CA SER D 123 -22.17 -1.88 -0.70
C SER D 123 -21.12 -1.93 0.39
N ALA D 124 -21.22 -1.04 1.37
CA ALA D 124 -20.20 -0.97 2.42
C ALA D 124 -20.79 -1.17 3.80
N PHE D 125 -21.75 -0.33 4.20
CA PHE D 125 -22.27 -0.47 5.55
C PHE D 125 -22.96 -1.84 5.76
N SER D 126 -23.53 -2.40 4.71
CA SER D 126 -24.21 -3.70 4.83
C SER D 126 -23.31 -4.79 5.41
N LEU D 127 -22.00 -4.75 5.11
CA LEU D 127 -21.09 -5.75 5.68
C LEU D 127 -21.11 -5.68 7.20
N THR D 128 -21.04 -4.47 7.74
CA THR D 128 -21.06 -4.26 9.18
C THR D 128 -22.43 -4.64 9.79
N ALA D 129 -23.52 -4.24 9.12
CA ALA D 129 -24.87 -4.58 9.61
C ALA D 129 -25.05 -6.11 9.65
N VAL D 130 -24.60 -6.78 8.59
CA VAL D 130 -24.62 -8.24 8.56
C VAL D 130 -23.70 -8.87 9.62
N ALA D 131 -22.47 -8.37 9.75
CA ALA D 131 -21.54 -8.93 10.74
C ALA D 131 -22.12 -8.81 12.15
N ARG D 132 -22.79 -7.69 12.42
CA ARG D 132 -23.37 -7.48 13.75
C ARG D 132 -24.39 -8.56 14.09
N GLU D 133 -25.23 -8.92 13.13
CA GLU D 133 -26.17 -10.02 13.32
C GLU D 133 -25.46 -11.37 13.33
N ALA D 134 -24.53 -11.56 12.42
CA ALA D 134 -23.90 -12.88 12.25
C ALA D 134 -23.17 -13.33 13.50
N LYS D 135 -22.57 -12.40 14.25
CA LYS D 135 -21.78 -12.80 15.40
C LYS D 135 -22.67 -13.41 16.48
N LYS D 136 -23.98 -13.16 16.41
CA LYS D 136 -24.92 -13.76 17.37
C LYS D 136 -25.08 -15.26 17.14
N VAL D 137 -24.82 -15.74 15.92
CA VAL D 137 -25.04 -17.14 15.58
C VAL D 137 -23.73 -17.85 15.21
N MET D 138 -22.60 -17.14 15.27
CA MET D 138 -21.30 -17.74 14.96
C MET D 138 -20.58 -18.07 16.26
N THR D 139 -21.24 -18.89 17.07
CA THR D 139 -20.80 -19.18 18.43
C THR D 139 -19.54 -20.05 18.48
N GLU D 140 -19.21 -20.72 17.37
CA GLU D 140 -17.98 -21.49 17.29
C GLU D 140 -16.89 -20.76 16.49
N GLY D 141 -17.10 -19.48 16.19
CA GLY D 141 -16.15 -18.74 15.37
C GLY D 141 -16.35 -19.03 13.90
N GLY D 142 -15.43 -18.59 13.05
CA GLY D 142 -15.56 -18.80 11.62
C GLY D 142 -15.14 -17.59 10.80
N ASN D 143 -15.61 -17.50 9.57
CA ASN D 143 -15.15 -16.43 8.67
C ASN D 143 -16.28 -15.65 8.01
N ILE D 144 -16.13 -14.34 7.97
CA ILE D 144 -17.01 -13.52 7.14
C ILE D 144 -16.23 -13.04 5.92
N LEU D 145 -16.80 -13.29 4.75
CA LEU D 145 -16.16 -12.97 3.47
C LEU D 145 -16.92 -11.88 2.74
N THR D 146 -16.18 -10.95 2.14
CA THR D 146 -16.82 -10.02 1.22
C THR D 146 -16.04 -9.98 -0.10
N LEU D 147 -16.65 -9.40 -1.13
CA LEU D 147 -16.01 -9.28 -2.43
C LEU D 147 -15.72 -7.83 -2.78
N THR D 148 -14.55 -7.59 -3.33
CA THR D 148 -14.19 -6.24 -3.71
C THR D 148 -13.52 -6.28 -5.06
N TYR D 149 -12.96 -5.15 -5.47
CA TYR D 149 -12.41 -5.01 -6.81
C TYR D 149 -11.27 -4.00 -6.74
N LEU D 150 -10.33 -4.12 -7.68
CA LEU D 150 -9.15 -3.26 -7.72
C LEU D 150 -9.52 -1.76 -7.69
N GLY D 151 -10.70 -1.43 -8.19
CA GLY D 151 -11.19 -0.07 -8.23
C GLY D 151 -11.37 0.56 -6.85
N GLY D 152 -11.37 -0.27 -5.82
CA GLY D 152 -11.42 0.24 -4.44
C GLY D 152 -10.05 0.68 -3.96
N GLU D 153 -9.00 0.30 -4.69
CA GLU D 153 -7.61 0.65 -4.33
C GLU D 153 -7.01 1.68 -5.26
N ARG D 154 -7.31 1.57 -6.54
CA ARG D 154 -6.72 2.45 -7.53
C ARG D 154 -7.81 2.81 -8.51
N VAL D 155 -7.57 3.84 -9.31
CA VAL D 155 -8.62 4.36 -10.16
C VAL D 155 -8.82 3.49 -11.39
N VAL D 156 -10.03 2.96 -11.52
CA VAL D 156 -10.40 2.16 -12.68
C VAL D 156 -11.50 2.91 -13.41
N LYS D 157 -11.37 2.99 -14.73
CA LYS D 157 -12.33 3.69 -15.58
C LYS D 157 -13.78 3.25 -15.35
N ASN D 158 -14.67 4.23 -15.23
CA ASN D 158 -16.12 4.00 -15.07
C ASN D 158 -16.55 3.32 -13.77
N TYR D 159 -15.64 3.16 -12.82
CA TYR D 159 -16.01 2.50 -11.58
C TYR D 159 -16.43 3.55 -10.54
N ASN D 160 -15.80 4.74 -10.60
CA ASN D 160 -16.26 5.93 -9.88
C ASN D 160 -16.86 5.70 -8.49
N VAL D 161 -18.16 5.95 -8.33
CA VAL D 161 -18.77 5.89 -7.00
C VAL D 161 -18.60 4.51 -6.36
N MET D 162 -18.55 3.45 -7.18
CA MET D 162 -18.40 2.11 -6.63
C MET D 162 -16.98 1.89 -6.11
N GLY D 163 -16.01 2.57 -6.74
CA GLY D 163 -14.64 2.54 -6.27
C GLY D 163 -14.53 3.07 -4.85
N VAL D 164 -15.22 4.16 -4.58
CA VAL D 164 -15.16 4.78 -3.26
C VAL D 164 -15.91 3.90 -2.24
N ALA D 165 -17.03 3.30 -2.66
CA ALA D 165 -17.74 2.35 -1.80
C ALA D 165 -16.89 1.11 -1.47
N LYS D 166 -16.16 0.58 -2.46
CA LYS D 166 -15.28 -0.57 -2.19
C LYS D 166 -14.15 -0.17 -1.25
N ALA D 167 -13.68 1.07 -1.34
CA ALA D 167 -12.65 1.53 -0.39
C ALA D 167 -13.23 1.53 1.02
N SER D 168 -14.48 2.00 1.16
CA SER D 168 -15.14 1.94 2.46
C SER D 168 -15.24 0.51 2.94
N LEU D 169 -15.67 -0.35 2.02
CA LEU D 169 -15.82 -1.77 2.31
C LEU D 169 -14.50 -2.39 2.78
N GLU D 170 -13.41 -2.14 2.07
CA GLU D 170 -12.12 -2.74 2.46
C GLU D 170 -11.62 -2.22 3.81
N ALA D 171 -11.85 -0.95 4.11
CA ALA D 171 -11.52 -0.43 5.44
C ALA D 171 -12.39 -1.09 6.51
N SER D 172 -13.66 -1.32 6.18
CA SER D 172 -14.60 -1.98 7.10
C SER D 172 -14.13 -3.38 7.42
N VAL D 173 -13.63 -4.08 6.40
CA VAL D 173 -13.06 -5.40 6.60
C VAL D 173 -11.99 -5.37 7.69
N LYS D 174 -11.14 -4.35 7.67
CA LYS D 174 -10.06 -4.26 8.66
C LYS D 174 -10.58 -3.95 10.05
N TYR D 175 -11.45 -2.95 10.18
CA TYR D 175 -11.97 -2.61 11.51
C TYR D 175 -12.85 -3.72 12.06
N LEU D 176 -13.60 -4.42 11.19
CA LEU D 176 -14.40 -5.57 11.65
C LEU D 176 -13.49 -6.73 12.11
N ALA D 177 -12.43 -7.01 11.36
CA ALA D 177 -11.46 -8.04 11.76
C ALA D 177 -10.92 -7.77 13.14
N ASN D 178 -10.56 -6.51 13.38
CA ASN D 178 -10.05 -6.07 14.66
C ASN D 178 -11.06 -6.24 15.81
N ASP D 179 -12.34 -5.97 15.55
CA ASP D 179 -13.40 -6.19 16.55
C ASP D 179 -13.67 -7.66 16.87
N LEU D 180 -13.76 -8.47 15.82
CA LEU D 180 -14.38 -9.78 15.92
C LEU D 180 -13.40 -10.93 16.10
N GLY D 181 -12.11 -10.65 15.92
CA GLY D 181 -11.09 -11.68 16.07
C GLY D 181 -11.07 -12.30 17.46
N GLN D 182 -11.35 -11.49 18.47
CA GLN D 182 -11.37 -11.98 19.86
C GLN D 182 -12.53 -12.93 20.14
N HIS D 183 -13.50 -12.99 19.22
CA HIS D 183 -14.60 -13.93 19.31
C HIS D 183 -14.41 -15.09 18.34
N GLY D 184 -13.20 -15.22 17.81
CA GLY D 184 -12.88 -16.29 16.89
C GLY D 184 -13.44 -16.08 15.48
N ILE D 185 -13.87 -14.87 15.17
CA ILE D 185 -14.45 -14.62 13.85
C ILE D 185 -13.43 -13.88 12.98
N ARG D 186 -13.08 -14.48 11.86
CA ARG D 186 -12.19 -13.83 10.89
C ARG D 186 -13.02 -13.07 9.85
N VAL D 187 -12.45 -11.98 9.33
CA VAL D 187 -13.10 -11.18 8.29
C VAL D 187 -12.13 -10.94 7.15
N ASN D 188 -12.48 -11.35 5.93
CA ASN D 188 -11.56 -11.23 4.82
C ASN D 188 -12.27 -10.84 3.54
N ALA D 189 -11.50 -10.37 2.56
CA ALA D 189 -12.07 -10.04 1.27
C ALA D 189 -11.37 -10.82 0.18
N ILE D 190 -12.09 -11.03 -0.92
CA ILE D 190 -11.48 -11.44 -2.17
C ILE D 190 -11.64 -10.29 -3.16
N SER D 191 -10.54 -9.85 -3.74
CA SER D 191 -10.61 -8.87 -4.82
C SER D 191 -10.61 -9.59 -6.17
N ALA D 192 -11.78 -9.71 -6.77
CA ALA D 192 -11.90 -10.47 -8.01
C ALA D 192 -11.59 -9.61 -9.23
N GLY D 193 -10.90 -10.19 -10.19
CA GLY D 193 -10.72 -9.54 -11.47
C GLY D 193 -12.01 -9.66 -12.27
N PRO D 194 -12.11 -8.91 -13.38
CA PRO D 194 -13.30 -8.98 -14.24
C PRO D 194 -13.56 -10.39 -14.77
N ILE D 195 -14.83 -10.77 -14.81
CA ILE D 195 -15.25 -12.11 -15.18
C ILE D 195 -16.18 -12.07 -16.40
N ARG D 196 -15.85 -12.83 -17.44
CA ARG D 196 -16.63 -12.82 -18.68
C ARG D 196 -18.10 -13.21 -18.45
N THR D 197 -18.31 -14.28 -17.67
CA THR D 197 -19.65 -14.82 -17.38
C THR D 197 -20.67 -13.78 -16.87
N ASP D 205 -17.47 -0.31 -22.43
CA ASP D 205 -17.17 -1.47 -23.26
C ASP D 205 -16.40 -2.52 -22.46
N PHE D 206 -17.08 -3.60 -22.11
CA PHE D 206 -16.54 -4.63 -21.23
C PHE D 206 -15.58 -5.56 -21.95
N ASN D 207 -15.84 -5.84 -23.21
CA ASN D 207 -15.02 -6.78 -23.96
C ASN D 207 -13.58 -6.32 -24.14
N SER D 208 -13.34 -5.02 -24.26
CA SER D 208 -11.97 -4.54 -24.40
C SER D 208 -11.22 -4.67 -23.08
N ILE D 209 -11.93 -4.47 -21.96
CA ILE D 209 -11.34 -4.71 -20.65
C ILE D 209 -10.86 -6.17 -20.51
N LEU D 210 -11.71 -7.12 -20.88
CA LEU D 210 -11.37 -8.53 -20.78
C LEU D 210 -10.14 -8.85 -21.66
N ARG D 211 -10.12 -8.23 -22.83
CA ARG D 211 -9.02 -8.42 -23.78
C ARG D 211 -7.71 -7.82 -23.25
N GLU D 212 -7.78 -6.72 -22.51
CA GLU D 212 -6.56 -6.17 -21.95
C GLU D 212 -6.03 -7.07 -20.84
N ILE D 213 -6.94 -7.62 -20.05
CA ILE D 213 -6.54 -8.54 -19.01
C ILE D 213 -5.86 -9.77 -19.63
N GLU D 214 -6.48 -10.32 -20.68
CA GLU D 214 -5.90 -11.47 -21.35
C GLU D 214 -4.51 -11.14 -21.89
N GLU D 215 -4.34 -9.91 -22.38
CA GLU D 215 -3.05 -9.51 -22.92
C GLU D 215 -2.00 -9.25 -21.85
N ARG D 216 -2.38 -8.58 -20.77
CA ARG D 216 -1.39 -8.03 -19.83
C ARG D 216 -1.26 -8.75 -18.49
N ALA D 217 -2.33 -9.36 -18.00
CA ALA D 217 -2.25 -10.04 -16.71
C ALA D 217 -1.17 -11.13 -16.76
N PRO D 218 -0.45 -11.32 -15.65
CA PRO D 218 0.58 -12.37 -15.60
C PRO D 218 0.08 -13.73 -16.07
N LEU D 219 -1.14 -14.13 -15.71
CA LEU D 219 -1.63 -15.44 -16.15
C LEU D 219 -2.28 -15.42 -17.54
N ARG D 220 -2.34 -14.24 -18.16
CA ARG D 220 -2.80 -14.10 -19.55
C ARG D 220 -4.20 -14.69 -19.77
N ARG D 221 -5.06 -14.51 -18.78
CA ARG D 221 -6.43 -15.00 -18.88
C ARG D 221 -7.28 -14.25 -17.85
N THR D 222 -8.58 -14.19 -18.11
CA THR D 222 -9.50 -13.50 -17.21
C THR D 222 -9.85 -14.45 -16.05
N THR D 223 -10.55 -13.92 -15.06
CA THR D 223 -10.91 -14.65 -13.85
C THR D 223 -12.20 -15.45 -14.07
N THR D 224 -12.37 -16.56 -13.37
CA THR D 224 -13.65 -17.28 -13.41
C THR D 224 -14.31 -17.29 -12.04
N GLN D 225 -15.62 -17.48 -12.04
CA GLN D 225 -16.39 -17.59 -10.80
C GLN D 225 -15.87 -18.74 -9.97
N GLU D 226 -15.39 -19.78 -10.63
CA GLU D 226 -14.90 -20.97 -9.93
C GLU D 226 -13.57 -20.69 -9.19
N GLU D 227 -12.70 -19.89 -9.78
CA GLU D 227 -11.45 -19.47 -9.12
C GLU D 227 -11.75 -18.67 -7.86
N VAL D 228 -12.75 -17.78 -7.93
CA VAL D 228 -13.17 -17.01 -6.77
C VAL D 228 -13.78 -17.93 -5.72
N GLY D 229 -14.68 -18.82 -6.13
CA GLY D 229 -15.28 -19.77 -5.20
C GLY D 229 -14.26 -20.65 -4.48
N ASP D 230 -13.24 -21.10 -5.21
CA ASP D 230 -12.24 -21.97 -4.58
C ASP D 230 -11.36 -21.21 -3.56
N THR D 231 -11.12 -19.93 -3.81
CA THR D 231 -10.42 -19.12 -2.81
C THR D 231 -11.34 -18.88 -1.60
N ALA D 232 -12.64 -18.73 -1.85
CA ALA D 232 -13.61 -18.61 -0.76
C ALA D 232 -13.59 -19.89 0.11
N VAL D 233 -13.57 -21.06 -0.54
CA VAL D 233 -13.46 -22.35 0.18
C VAL D 233 -12.28 -22.31 1.15
N PHE D 234 -11.12 -21.91 0.65
CA PHE D 234 -9.95 -21.75 1.52
C PHE D 234 -10.24 -20.82 2.69
N LEU D 235 -10.73 -19.62 2.41
CA LEU D 235 -10.93 -18.62 3.47
C LEU D 235 -11.97 -19.07 4.50
N PHE D 236 -12.95 -19.86 4.08
CA PHE D 236 -13.95 -20.38 5.04
C PHE D 236 -13.46 -21.61 5.82
N SER D 237 -12.40 -22.26 5.31
CA SER D 237 -11.92 -23.52 5.90
C SER D 237 -10.98 -23.27 7.06
N ASP D 238 -10.63 -24.33 7.80
CA ASP D 238 -9.68 -24.22 8.90
C ASP D 238 -8.25 -24.00 8.40
N LEU D 239 -8.02 -24.17 7.10
CA LEU D 239 -6.69 -23.92 6.53
C LEU D 239 -6.30 -22.45 6.72
N ALA D 240 -7.30 -21.57 6.72
CA ALA D 240 -7.07 -20.13 6.82
C ALA D 240 -7.28 -19.55 8.24
N ARG D 241 -7.15 -20.39 9.26
CA ARG D 241 -7.43 -19.97 10.63
C ARG D 241 -6.49 -18.88 11.15
N GLY D 242 -5.35 -18.68 10.48
CA GLY D 242 -4.44 -17.62 10.86
C GLY D 242 -4.58 -16.36 10.01
N VAL D 243 -5.51 -16.38 9.05
CA VAL D 243 -5.68 -15.26 8.12
C VAL D 243 -6.89 -14.40 8.46
N THR D 244 -6.68 -13.13 8.78
CA THR D 244 -7.81 -12.23 8.97
C THR D 244 -7.45 -10.80 8.59
N GLY D 245 -8.45 -10.02 8.20
CA GLY D 245 -8.22 -8.67 7.73
C GLY D 245 -7.46 -8.65 6.42
N GLU D 246 -7.49 -9.76 5.68
CA GLU D 246 -6.71 -9.89 4.44
C GLU D 246 -7.57 -9.64 3.20
N ASN D 247 -6.93 -9.17 2.14
CA ASN D 247 -7.60 -8.99 0.86
C ASN D 247 -6.85 -9.81 -0.18
N ILE D 248 -7.42 -10.92 -0.61
CA ILE D 248 -6.73 -11.80 -1.55
C ILE D 248 -7.19 -11.51 -2.98
N HIS D 249 -6.23 -11.10 -3.82
CA HIS D 249 -6.53 -10.83 -5.23
C HIS D 249 -6.62 -12.11 -6.02
N VAL D 250 -7.81 -12.39 -6.53
CA VAL D 250 -8.04 -13.47 -7.50
C VAL D 250 -8.29 -12.84 -8.87
N ASP D 251 -7.22 -12.46 -9.55
CA ASP D 251 -7.33 -11.57 -10.70
C ASP D 251 -6.26 -11.87 -11.75
N SER D 252 -5.80 -13.11 -11.77
CA SER D 252 -4.71 -13.56 -12.65
C SER D 252 -3.44 -12.72 -12.48
N GLY D 253 -3.27 -12.13 -11.30
CA GLY D 253 -2.09 -11.33 -10.99
C GLY D 253 -2.12 -9.90 -11.48
N TYR D 254 -3.26 -9.46 -12.02
CA TYR D 254 -3.32 -8.13 -12.63
C TYR D 254 -2.94 -7.01 -11.64
N HIS D 255 -3.29 -7.17 -10.37
CA HIS D 255 -3.04 -6.15 -9.35
C HIS D 255 -1.55 -5.75 -9.17
N ILE D 256 -0.61 -6.57 -9.65
CA ILE D 256 0.80 -6.22 -9.44
C ILE D 256 1.34 -5.25 -10.48
N LEU D 257 0.57 -5.01 -11.54
CA LEU D 257 1.07 -4.24 -12.68
C LEU D 257 1.04 -2.74 -12.44
N GLY D 258 2.09 -2.05 -12.91
CA GLY D 258 2.11 -0.61 -12.90
C GLY D 258 1.95 -0.10 -14.33
PA NAD E . 21.55 9.83 -14.84
O1A NAD E . 22.33 8.94 -15.74
O2A NAD E . 21.77 11.29 -15.31
O5B NAD E . 22.02 9.66 -13.23
C5B NAD E . 22.53 8.44 -12.61
C4B NAD E . 23.81 8.81 -11.91
O4B NAD E . 24.37 7.71 -11.16
C3B NAD E . 24.94 9.32 -12.82
O3B NAD E . 25.11 10.72 -12.67
C2B NAD E . 26.18 8.57 -12.34
O2B NAD E . 27.31 9.43 -12.19
C1B NAD E . 25.73 8.04 -10.98
N9A NAD E . 26.51 6.89 -10.51
C8A NAD E . 26.54 5.64 -11.07
N7A NAD E . 27.42 4.83 -10.53
C5A NAD E . 28.00 5.60 -9.52
C6A NAD E . 29.01 5.33 -8.59
N6A NAD E . 29.63 4.15 -8.49
N1A NAD E . 29.36 6.32 -7.73
C2A NAD E . 28.75 7.50 -7.83
N3A NAD E . 27.77 7.88 -8.67
C4A NAD E . 27.44 6.87 -9.50
O3 NAD E . 19.98 9.59 -15.00
PN NAD E . 18.68 10.08 -14.20
O1N NAD E . 17.45 9.56 -14.85
O2N NAD E . 18.78 11.53 -13.95
O5D NAD E . 18.85 9.27 -12.83
C5D NAD E . 18.96 9.92 -11.55
C4D NAD E . 18.19 9.15 -10.50
O4D NAD E . 16.77 9.30 -10.74
C3D NAD E . 18.46 7.65 -10.45
O3D NAD E . 18.45 7.25 -9.07
C2D NAD E . 17.25 7.07 -11.18
O2D NAD E . 16.96 5.72 -10.81
C1D NAD E . 16.18 8.02 -10.69
N1N NAD E . 14.88 8.04 -11.50
C2N NAD E . 15.00 8.13 -12.83
C3N NAD E . 13.88 8.18 -13.64
C7N NAD E . 14.04 8.35 -15.12
O7N NAD E . 13.03 8.43 -15.84
N7N NAD E . 15.28 8.43 -15.61
C4N NAD E . 12.63 8.10 -13.03
C5N NAD E . 12.52 8.00 -11.67
C6N NAD E . 13.67 7.98 -10.90
S SO4 F . 16.74 27.45 -14.63
O1 SO4 F . 15.96 28.66 -14.85
O2 SO4 F . 15.85 26.36 -14.24
O3 SO4 F . 17.44 27.07 -15.86
O4 SO4 F . 17.73 27.71 -13.58
S SO4 G . 31.37 5.72 11.59
O1 SO4 G . 30.41 6.07 10.56
O2 SO4 G . 30.62 5.57 12.85
O3 SO4 G . 32.05 4.47 11.25
O4 SO4 G . 32.38 6.78 11.74
S SO4 H . 31.28 -1.34 8.95
O1 SO4 H . 32.02 -0.34 9.74
O2 SO4 H . 29.92 -1.46 9.50
O3 SO4 H . 31.96 -2.62 8.99
O4 SO4 H . 31.22 -0.90 7.56
S SO4 I . -0.11 5.89 -3.59
O1 SO4 I . 0.70 6.65 -2.63
O2 SO4 I . -1.54 6.14 -3.36
O3 SO4 I . 0.17 4.46 -3.45
O4 SO4 I . 0.22 6.31 -4.96
S SO4 J . 6.05 24.90 14.72
O1 SO4 J . 5.52 23.86 13.84
O2 SO4 J . 5.00 25.32 15.65
O3 SO4 J . 6.47 26.06 13.92
O4 SO4 J . 7.20 24.34 15.42
PA NAD K . -12.11 21.01 13.96
O1A NAD K . -13.23 20.79 14.91
O2A NAD K . -11.42 22.32 14.33
O5B NAD K . -12.58 21.05 12.36
C5B NAD K . -13.67 20.28 11.76
C4B NAD K . -14.56 21.25 11.03
O4B NAD K . -15.65 20.59 10.35
C3B NAD K . -15.22 22.33 11.93
O3B NAD K . -14.74 23.63 11.62
C2B NAD K . -16.71 22.20 11.62
O2B NAD K . -17.36 23.47 11.56
C1B NAD K . -16.68 21.54 10.25
N9A NAD K . -17.94 20.91 9.88
C8A NAD K . -18.63 19.95 10.57
N7A NAD K . -19.82 19.67 10.08
C5A NAD K . -19.92 20.51 8.97
C6A NAD K . -20.94 20.73 8.03
N6A NAD K . -22.13 20.12 8.08
N1A NAD K . -20.71 21.63 7.05
C2A NAD K . -19.54 22.27 7.02
N3A NAD K . -18.50 22.16 7.86
C4A NAD K . -18.76 21.26 8.82
O3 NAD K . -11.02 19.85 14.09
PN NAD K . -9.74 19.44 13.22
O1N NAD K . -8.97 18.36 13.88
O2N NAD K . -9.02 20.69 12.83
O5D NAD K . -10.42 18.80 11.92
C5D NAD K . -10.09 19.31 10.60
C4D NAD K . -9.81 18.17 9.67
O4D NAD K . -8.55 17.53 9.99
C3D NAD K . -10.87 17.05 9.67
O3D NAD K . -11.12 16.67 8.33
C2D NAD K . -10.17 15.94 10.47
O2D NAD K . -10.65 14.64 10.21
C1D NAD K . -8.75 16.14 9.98
N1N NAD K . -7.64 15.49 10.84
C2N NAD K . -7.60 15.78 12.14
C3N NAD K . -6.61 15.24 12.95
C7N NAD K . -6.46 15.64 14.38
O7N NAD K . -5.52 15.17 15.05
N7N NAD K . -7.33 16.52 14.88
C4N NAD K . -5.68 14.37 12.37
C5N NAD K . -5.75 14.09 11.03
C6N NAD K . -6.74 14.66 10.26
S SO4 L . -23.55 21.67 -12.05
O1 SO4 L . -24.55 20.71 -12.51
O2 SO4 L . -23.82 22.01 -10.65
O3 SO4 L . -23.62 22.88 -12.86
O4 SO4 L . -22.21 21.09 -12.20
S SO4 M . -27.16 15.78 -9.09
O1 SO4 M . -27.37 17.06 -9.80
O2 SO4 M . -28.47 15.11 -8.95
O3 SO4 M . -26.22 14.95 -9.85
O4 SO4 M . -26.61 16.01 -7.76
S SO4 N . 8.22 23.29 -16.17
O1 SO4 N . 7.02 23.49 -16.99
O2 SO4 N . 8.48 24.48 -15.37
O3 SO4 N . 8.01 22.15 -15.29
O4 SO4 N . 9.38 23.02 -17.03
S SO4 O . 3.44 5.07 3.05
O1 SO4 O . 2.11 4.67 2.56
O2 SO4 O . 3.38 5.08 4.52
O3 SO4 O . 4.47 4.12 2.62
O4 SO4 O . 3.77 6.42 2.54
PA NAD P . 15.30 -21.44 9.68
O1A NAD P . 16.62 -21.07 10.24
O2A NAD P . 14.91 -22.87 10.17
O5B NAD P . 15.25 -21.38 8.00
C5B NAD P . 16.14 -20.58 7.20
C4B NAD P . 16.91 -21.54 6.32
O4B NAD P . 17.83 -20.84 5.46
C3B NAD P . 17.76 -22.57 7.09
O3B NAD P . 17.10 -23.83 7.10
C2B NAD P . 19.09 -22.61 6.31
O2B NAD P . 19.52 -23.93 5.99
C1B NAD P . 18.77 -21.82 5.05
N9A NAD P . 19.92 -21.19 4.40
C8A NAD P . 20.75 -20.23 4.93
N7A NAD P . 21.78 -19.94 4.16
C5A NAD P . 21.60 -20.75 3.05
C6A NAD P . 22.35 -20.94 1.87
N6A NAD P . 23.49 -20.29 1.62
N1A NAD P . 21.90 -21.82 0.96
C2A NAD P . 20.75 -22.48 1.22
N3A NAD P . 19.97 -22.41 2.30
C4A NAD P . 20.45 -21.52 3.18
O3 NAD P . 14.18 -20.41 10.18
PN NAD P . 12.74 -20.00 9.65
O1N NAD P . 12.16 -18.96 10.55
O2N NAD P . 11.96 -21.23 9.40
O5D NAD P . 13.07 -19.29 8.26
C5D NAD P . 12.38 -19.69 7.05
C4D NAD P . 11.91 -18.49 6.25
O4D NAD P . 10.74 -17.90 6.86
C3D NAD P . 12.93 -17.35 6.09
O3D NAD P . 12.86 -16.83 4.75
C2D NAD P . 12.41 -16.32 7.09
O2D NAD P . 12.82 -14.97 6.83
C1D NAD P . 10.91 -16.51 6.89
N1N NAD P . 10.03 -15.91 8.00
C2N NAD P . 10.42 -16.15 9.27
C3N NAD P . 9.72 -15.58 10.31
C7N NAD P . 10.13 -15.92 11.72
O7N NAD P . 9.51 -15.42 12.69
N7N NAD P . 11.15 -16.77 11.89
C4N NAD P . 8.64 -14.76 10.05
C5N NAD P . 8.25 -14.55 8.74
C6N NAD P . 8.96 -15.13 7.72
S SO4 Q . 19.14 -21.38 -18.74
O1 SO4 Q . 19.06 -20.83 -17.39
O2 SO4 Q . 17.78 -21.55 -19.25
O3 SO4 Q . 19.82 -22.67 -18.69
O4 SO4 Q . 19.87 -20.46 -19.62
S SO4 R . -2.56 -5.17 3.63
O1 SO4 R . -3.81 -4.40 3.78
O2 SO4 R . -1.90 -5.24 4.94
O3 SO4 R . -2.84 -6.53 3.16
O4 SO4 R . -1.66 -4.48 2.69
S SO4 S . -2.51 -25.06 14.97
O1 SO4 S . -3.03 -23.68 14.85
O2 SO4 S . -3.46 -25.88 15.71
O3 SO4 S . -2.35 -25.61 13.63
O4 SO4 S . -1.22 -25.05 15.64
S SO4 T . -12.22 -23.10 -14.04
O1 SO4 T . -13.66 -22.94 -14.31
O2 SO4 T . -11.78 -22.04 -13.14
O3 SO4 T . -11.47 -23.00 -15.30
O4 SO4 T . -11.98 -24.41 -13.42
PA NAD U . -24.83 -9.39 -9.06
O1A NAD U . -25.70 -8.34 -9.65
O2A NAD U . -25.41 -10.77 -9.43
O5B NAD U . -24.65 -9.28 -7.41
C5B NAD U . -25.02 -8.13 -6.61
C4B NAD U . -26.04 -8.57 -5.59
O4B NAD U . -26.40 -7.48 -4.72
C3B NAD U . -27.36 -9.10 -6.18
O3B NAD U . -27.41 -10.52 -6.14
C2B NAD U . -28.45 -8.46 -5.30
O2B NAD U . -29.40 -9.39 -4.77
C1B NAD U . -27.65 -7.83 -4.16
N9A NAD U . -28.29 -6.65 -3.57
C8A NAD U . -28.47 -5.42 -4.13
N7A NAD U . -29.16 -4.59 -3.37
C5A NAD U . -29.44 -5.34 -2.24
C6A NAD U . -30.13 -5.04 -1.05
N6A NAD U . -30.74 -3.86 -0.83
N1A NAD U . -30.21 -6.00 -0.10
C2A NAD U . -29.64 -7.18 -0.34
N3A NAD U . -28.97 -7.58 -1.43
C4A NAD U . -28.91 -6.61 -2.34
O3 NAD U . -23.36 -9.27 -9.68
PN NAD U . -21.90 -9.74 -9.20
O1N NAD U . -20.89 -9.32 -10.21
O2N NAD U . -21.99 -11.16 -8.82
O5D NAD U . -21.66 -8.85 -7.90
C5D NAD U . -21.58 -9.46 -6.59
C4D NAD U . -20.43 -8.91 -5.78
O4D NAD U . -19.15 -9.13 -6.43
C3D NAD U . -20.51 -7.41 -5.50
O3D NAD U . -20.06 -7.20 -4.17
C2D NAD U . -19.51 -6.85 -6.50
O2D NAD U . -19.01 -5.56 -6.16
C1D NAD U . -18.44 -7.92 -6.40
N1N NAD U . -17.38 -7.92 -7.53
C2N NAD U . -17.85 -7.92 -8.80
C3N NAD U . -16.96 -7.85 -9.86
C7N NAD U . -17.48 -7.96 -11.26
O7N NAD U . -16.68 -7.96 -12.23
N7N NAD U . -18.80 -8.09 -11.42
C4N NAD U . -15.59 -7.77 -9.59
C5N NAD U . -15.15 -7.81 -8.27
C6N NAD U . -16.06 -7.89 -7.25
S SO4 V . -27.14 -5.95 19.39
O1 SO4 V . -28.46 -5.56 18.86
O2 SO4 V . -27.30 -6.82 20.54
O3 SO4 V . -26.39 -6.64 18.36
O4 SO4 V . -26.39 -4.75 19.79
S SO4 W . -28.19 1.15 16.69
O1 SO4 W . -28.54 2.54 16.95
O2 SO4 W . -29.12 0.27 17.38
O3 SO4 W . -28.26 0.89 15.24
O4 SO4 W . -26.82 0.89 17.14
#